data_5F2K
#
_entry.id   5F2K
#
_cell.length_a   63.074
_cell.length_b   66.131
_cell.length_c   98.086
_cell.angle_alpha   90.00
_cell.angle_beta   107.36
_cell.angle_gamma   90.00
#
_symmetry.space_group_name_H-M   'P 1 21 1'
#
loop_
_entity.id
_entity.type
_entity.pdbx_description
1 polymer 'fatty acid O-methyltransferase'
2 non-polymer S-ADENOSYL-L-HOMOCYSTEINE
3 non-polymer 'OCTANOIC ACID (CAPRYLIC ACID)'
4 water water
#
_entity_poly.entity_id   1
_entity_poly.type   'polypeptide(L)'
_entity_poly.pdbx_seq_one_letter_code
;MPREIRLPESSVVVRPAPMESATYSQSSRLQAAGLSPAITLFEKAAQTVPLPDAPQPVVIADYGVATGHNSLKPMMAAIN
ALRRRIREDRAIMVAHTDVPDNDFTALFRTLADDPDSYLHHDSASFASAVGRSFYTQILPSNTVSLGWSSWAIQWLSRIP
AGAPELTDHVQVAYSKDERARAAYAHQAATDWQDFLAFRGRELCPGGRLVVLTMALDEHGHFGYRPMNDALVAALNDQVR
DGLLRPEELRRMAIPVVARAEKDLRAPFAPRGWFEGLTIEQLDVFNAEDRFWAAFQSDGDAESFGAQWAGFARAALFPTL
AAALDCGTGDPRATAFIEQLEASVADRLASQPEPMRIPLASLVLAKRA
;
_entity_poly.pdbx_strand_id   A,B
#
# COMPACT_ATOMS: atom_id res chain seq x y z
N SER A 11 18.10 -3.90 11.31
CA SER A 11 18.93 -4.88 10.54
C SER A 11 20.31 -4.31 10.24
N VAL A 12 21.31 -5.19 10.17
CA VAL A 12 22.67 -4.81 9.77
C VAL A 12 22.79 -4.68 8.24
N VAL A 13 21.69 -4.94 7.53
CA VAL A 13 21.65 -4.76 6.09
C VAL A 13 21.12 -3.35 5.84
N VAL A 14 21.97 -2.50 5.26
CA VAL A 14 21.64 -1.09 5.05
C VAL A 14 21.05 -0.90 3.65
N ARG A 15 19.85 -0.36 3.58
CA ARG A 15 19.11 -0.23 2.32
C ARG A 15 18.89 1.23 1.95
N PRO A 16 18.62 1.51 0.66
CA PRO A 16 18.26 2.87 0.26
C PRO A 16 16.86 3.24 0.80
N ALA A 17 16.52 4.52 0.71
CA ALA A 17 15.20 4.99 1.13
C ALA A 17 14.31 5.23 -0.09
N PRO A 18 12.98 5.08 0.07
CA PRO A 18 12.07 5.37 -1.04
C PRO A 18 12.05 6.85 -1.39
N MET A 19 11.32 7.20 -2.46
CA MET A 19 11.24 8.60 -2.90
C MET A 19 10.46 9.42 -1.87
N GLU A 20 10.68 10.73 -1.87
CA GLU A 20 9.90 11.62 -1.03
C GLU A 20 8.49 11.72 -1.62
N SER A 21 7.54 11.04 -1.00
CA SER A 21 6.20 10.99 -1.56
C SER A 21 5.54 12.36 -1.65
N ALA A 22 5.92 13.28 -0.76
CA ALA A 22 5.35 14.62 -0.74
C ALA A 22 5.68 15.41 -2.02
N THR A 23 6.81 15.10 -2.64
CA THR A 23 7.27 15.89 -3.79
C THR A 23 7.53 15.10 -5.09
N TYR A 24 7.61 13.77 -5.01
CA TYR A 24 7.98 13.00 -6.20
C TYR A 24 7.10 13.23 -7.43
N SER A 25 5.77 13.32 -7.25
CA SER A 25 4.87 13.52 -8.39
C SER A 25 5.03 14.87 -9.06
N GLN A 26 5.56 15.84 -8.32
CA GLN A 26 5.81 17.18 -8.85
C GLN A 26 7.27 17.36 -9.31
N SER A 27 8.13 16.40 -8.95
CA SER A 27 9.57 16.53 -9.16
C SER A 27 10.17 15.41 -10.01
N SER A 28 9.34 14.79 -10.85
CA SER A 28 9.81 13.65 -11.65
C SER A 28 9.58 13.83 -13.16
N ARG A 29 9.57 15.07 -13.61
CA ARG A 29 9.47 15.40 -15.03
C ARG A 29 10.70 14.97 -15.81
N LEU A 30 11.87 15.01 -15.17
CA LEU A 30 13.09 14.53 -15.83
C LEU A 30 12.90 13.05 -16.15
N GLN A 31 12.49 12.28 -15.15
CA GLN A 31 12.24 10.84 -15.32
C GLN A 31 11.20 10.56 -16.39
N ALA A 32 10.08 11.30 -16.35
CA ALA A 32 9.01 11.14 -17.32
C ALA A 32 9.48 11.34 -18.76
N ALA A 33 10.30 12.38 -18.98
CA ALA A 33 10.81 12.70 -20.31
C ALA A 33 11.78 11.63 -20.78
N GLY A 34 12.64 11.16 -19.88
CA GLY A 34 13.65 10.15 -20.20
C GLY A 34 13.07 8.80 -20.57
N LEU A 35 11.94 8.44 -19.95
CA LEU A 35 11.34 7.11 -20.17
C LEU A 35 10.46 7.07 -21.43
N SER A 36 10.18 8.23 -22.00
CA SER A 36 9.27 8.32 -23.16
C SER A 36 9.56 7.32 -24.30
N PRO A 37 10.85 7.16 -24.71
CA PRO A 37 11.13 6.19 -25.79
C PRO A 37 10.82 4.73 -25.43
N ALA A 38 10.91 4.40 -24.15
CA ALA A 38 10.61 3.04 -23.70
C ALA A 38 9.11 2.73 -23.78
N ILE A 39 8.27 3.76 -23.72
CA ILE A 39 6.81 3.58 -23.84
C ILE A 39 6.48 2.97 -25.21
N THR A 40 7.17 3.44 -26.25
CA THR A 40 6.97 2.93 -27.61
C THR A 40 7.27 1.42 -27.68
N LEU A 41 8.36 1.01 -27.03
CA LEU A 41 8.74 -0.39 -26.93
C LEU A 41 7.68 -1.22 -26.21
N PHE A 42 7.14 -0.64 -25.13
CA PHE A 42 6.16 -1.29 -24.28
C PHE A 42 4.83 -1.48 -25.02
N GLU A 43 4.39 -0.43 -25.71
CA GLU A 43 3.18 -0.48 -26.53
C GLU A 43 3.30 -1.53 -27.62
N LYS A 44 4.47 -1.60 -28.26
CA LYS A 44 4.72 -2.56 -29.32
C LYS A 44 4.64 -4.00 -28.78
N ALA A 45 5.25 -4.23 -27.63
CA ALA A 45 5.19 -5.53 -26.96
C ALA A 45 3.75 -5.96 -26.66
N ALA A 46 2.93 -4.99 -26.24
CA ALA A 46 1.53 -5.24 -25.88
C ALA A 46 0.71 -5.74 -27.08
N GLN A 47 1.17 -5.43 -28.29
CA GLN A 47 0.47 -5.83 -29.51
C GLN A 47 0.51 -7.34 -29.74
N THR A 48 1.52 -8.02 -29.21
CA THR A 48 1.71 -9.44 -29.52
C THR A 48 1.96 -10.42 -28.35
N VAL A 49 2.19 -9.92 -27.13
CA VAL A 49 2.44 -10.84 -26.01
C VAL A 49 1.27 -11.82 -25.81
N PRO A 50 1.58 -13.08 -25.45
CA PRO A 50 0.50 -14.03 -25.14
C PRO A 50 -0.27 -13.60 -23.89
N LEU A 51 -1.57 -13.87 -23.90
CA LEU A 51 -2.45 -13.52 -22.78
C LEU A 51 -2.98 -14.80 -22.12
N PRO A 52 -3.22 -14.74 -20.80
CA PRO A 52 -3.59 -15.96 -20.04
C PRO A 52 -5.02 -16.43 -20.29
N ASP A 53 -5.28 -17.71 -19.98
CA ASP A 53 -6.58 -18.35 -20.13
C ASP A 53 -7.63 -17.74 -19.19
N ALA A 54 -8.90 -17.72 -19.63
CA ALA A 54 -10.01 -17.24 -18.81
C ALA A 54 -10.16 -18.08 -17.53
N PRO A 55 -10.59 -17.46 -16.42
CA PRO A 55 -10.99 -16.06 -16.25
C PRO A 55 -9.84 -15.17 -15.77
N GLN A 56 -8.59 -15.60 -15.96
CA GLN A 56 -7.44 -14.85 -15.48
C GLN A 56 -7.37 -13.46 -16.11
N PRO A 57 -7.09 -12.42 -15.30
CA PRO A 57 -6.88 -11.11 -15.90
C PRO A 57 -5.54 -11.08 -16.63
N VAL A 58 -5.42 -10.23 -17.64
CA VAL A 58 -4.13 -9.90 -18.21
C VAL A 58 -3.40 -9.11 -17.13
N VAL A 59 -2.20 -9.53 -16.78
CA VAL A 59 -1.42 -8.83 -15.74
C VAL A 59 -0.29 -8.03 -16.36
N ILE A 60 -0.29 -6.74 -16.06
CA ILE A 60 0.82 -5.83 -16.36
C ILE A 60 1.50 -5.52 -15.03
N ALA A 61 2.80 -5.80 -14.92
CA ALA A 61 3.54 -5.53 -13.67
C ALA A 61 4.40 -4.29 -13.85
N ASP A 62 4.37 -3.41 -12.85
CA ASP A 62 5.11 -2.15 -12.84
C ASP A 62 6.08 -2.20 -11.67
N TYR A 63 7.34 -2.50 -11.96
CA TYR A 63 8.33 -2.75 -10.91
C TYR A 63 9.05 -1.47 -10.52
N GLY A 64 8.71 -0.95 -9.33
CA GLY A 64 9.27 0.30 -8.81
C GLY A 64 8.38 1.49 -9.08
N VAL A 65 7.16 1.44 -8.54
CA VAL A 65 6.11 2.41 -8.85
C VAL A 65 6.25 3.82 -8.21
N ALA A 66 6.88 3.89 -7.04
CA ALA A 66 6.85 5.11 -6.21
C ALA A 66 5.40 5.59 -6.03
N THR A 67 5.12 6.85 -6.36
CA THR A 67 3.80 7.46 -6.16
C THR A 67 2.80 7.14 -7.27
N GLY A 68 3.30 6.52 -8.35
CA GLY A 68 2.47 6.17 -9.51
C GLY A 68 2.37 7.19 -10.64
N HIS A 69 2.84 8.41 -10.38
CA HIS A 69 2.71 9.50 -11.33
C HIS A 69 3.26 9.18 -12.73
N ASN A 70 4.43 8.56 -12.78
CA ASN A 70 5.06 8.24 -14.06
C ASN A 70 4.70 6.88 -14.63
N SER A 71 3.74 6.21 -13.98
CA SER A 71 3.28 4.91 -14.47
C SER A 71 2.05 5.04 -15.37
N LEU A 72 1.34 6.15 -15.25
CA LEU A 72 0.05 6.30 -15.91
C LEU A 72 0.15 6.21 -17.43
N LYS A 73 1.11 6.92 -18.02
CA LYS A 73 1.29 6.91 -19.47
C LYS A 73 1.70 5.53 -20.04
N PRO A 74 2.75 4.89 -19.49
CA PRO A 74 3.09 3.56 -20.01
C PRO A 74 1.97 2.54 -19.85
N MET A 75 1.27 2.56 -18.71
CA MET A 75 0.17 1.61 -18.47
C MET A 75 -0.95 1.80 -19.48
N MET A 76 -1.33 3.05 -19.73
CA MET A 76 -2.41 3.37 -20.65
C MET A 76 -2.06 2.98 -22.09
N ALA A 77 -0.79 3.16 -22.47
CA ALA A 77 -0.30 2.76 -23.78
C ALA A 77 -0.49 1.26 -24.00
N ALA A 78 -0.14 0.46 -22.99
CA ALA A 78 -0.30 -1.00 -23.06
C ALA A 78 -1.76 -1.40 -23.11
N ILE A 79 -2.57 -0.78 -22.25
CA ILE A 79 -4.00 -1.08 -22.14
C ILE A 79 -4.70 -0.78 -23.47
N ASN A 80 -4.39 0.38 -24.05
CA ASN A 80 -4.96 0.74 -25.35
C ASN A 80 -4.63 -0.28 -26.44
N ALA A 81 -3.38 -0.74 -26.46
CA ALA A 81 -2.97 -1.78 -27.41
C ALA A 81 -3.71 -3.10 -27.17
N LEU A 82 -3.87 -3.46 -25.90
CA LEU A 82 -4.58 -4.69 -25.54
C LEU A 82 -6.04 -4.64 -25.97
N ARG A 83 -6.65 -3.46 -25.85
CA ARG A 83 -8.05 -3.28 -26.21
C ARG A 83 -8.32 -3.35 -27.73
N ARG A 84 -7.24 -3.27 -28.52
CA ARG A 84 -7.37 -3.50 -29.96
C ARG A 84 -7.38 -4.99 -30.29
N ARG A 85 -7.06 -5.82 -29.28
CA ARG A 85 -6.97 -7.27 -29.43
C ARG A 85 -8.17 -7.99 -28.80
N ILE A 86 -8.54 -7.58 -27.59
CA ILE A 86 -9.51 -8.33 -26.79
C ILE A 86 -10.77 -7.51 -26.50
N ARG A 87 -11.79 -8.20 -25.97
CA ARG A 87 -13.06 -7.57 -25.63
C ARG A 87 -12.88 -6.49 -24.56
N GLU A 88 -13.74 -5.48 -24.61
CA GLU A 88 -13.69 -4.38 -23.65
C GLU A 88 -13.92 -4.87 -22.21
N ASP A 89 -14.69 -5.94 -22.06
CA ASP A 89 -14.99 -6.46 -20.72
C ASP A 89 -13.95 -7.43 -20.13
N ARG A 90 -12.87 -7.69 -20.88
CA ARG A 90 -11.78 -8.51 -20.36
C ARG A 90 -11.05 -7.76 -19.26
N ALA A 91 -10.86 -8.42 -18.12
CA ALA A 91 -10.14 -7.78 -17.00
C ALA A 91 -8.65 -7.62 -17.30
N ILE A 92 -8.14 -6.42 -17.02
CA ILE A 92 -6.70 -6.17 -17.01
C ILE A 92 -6.34 -5.72 -15.60
N MET A 93 -5.33 -6.37 -15.01
CA MET A 93 -4.84 -6.00 -13.68
C MET A 93 -3.43 -5.42 -13.77
N VAL A 94 -3.26 -4.22 -13.22
CA VAL A 94 -1.94 -3.61 -13.12
C VAL A 94 -1.45 -3.83 -11.69
N ALA A 95 -0.33 -4.54 -11.58
CA ALA A 95 0.31 -4.79 -10.28
C ALA A 95 1.51 -3.87 -10.14
N HIS A 96 1.36 -2.84 -9.31
CA HIS A 96 2.42 -1.86 -9.03
C HIS A 96 3.25 -2.37 -7.86
N THR A 97 4.56 -2.48 -8.04
CA THR A 97 5.41 -3.02 -6.96
C THR A 97 6.43 -2.00 -6.47
N ASP A 98 6.74 -2.07 -5.17
CA ASP A 98 7.79 -1.25 -4.59
C ASP A 98 8.26 -1.92 -3.30
N VAL A 99 9.04 -1.20 -2.50
CA VAL A 99 9.46 -1.69 -1.19
C VAL A 99 8.33 -1.44 -0.16
N PRO A 100 8.33 -2.19 0.96
CA PRO A 100 7.26 -2.02 1.95
C PRO A 100 7.06 -0.58 2.43
N ASP A 101 8.15 0.18 2.57
CA ASP A 101 8.04 1.54 3.12
CA ASP A 101 8.13 1.54 3.10
C ASP A 101 7.75 2.62 2.08
N ASN A 102 7.49 2.21 0.84
CA ASN A 102 6.95 3.15 -0.15
C ASN A 102 5.60 3.67 0.35
N ASP A 103 5.24 4.90 -0.04
CA ASP A 103 3.95 5.45 0.35
C ASP A 103 2.86 4.99 -0.62
N PHE A 104 2.22 3.88 -0.28
CA PHE A 104 1.20 3.30 -1.14
C PHE A 104 -0.13 4.05 -1.08
N THR A 105 -0.34 4.83 -0.02
CA THR A 105 -1.49 5.71 0.07
C THR A 105 -1.40 6.78 -1.02
N ALA A 106 -0.22 7.38 -1.19
CA ALA A 106 0.03 8.31 -2.29
C ALA A 106 -0.26 7.65 -3.66
N LEU A 107 0.13 6.39 -3.82
CA LEU A 107 -0.14 5.66 -5.06
C LEU A 107 -1.64 5.53 -5.31
N PHE A 108 -2.37 5.08 -4.29
CA PHE A 108 -3.80 4.85 -4.49
C PHE A 108 -4.57 6.16 -4.65
N ARG A 109 -4.08 7.23 -4.04
CA ARG A 109 -4.64 8.56 -4.28
C ARG A 109 -4.39 9.01 -5.73
N THR A 110 -3.19 8.77 -6.25
CA THR A 110 -2.85 9.06 -7.64
C THR A 110 -3.80 8.33 -8.60
N LEU A 111 -4.02 7.04 -8.33
CA LEU A 111 -4.86 6.21 -9.20
C LEU A 111 -6.33 6.64 -9.16
N ALA A 112 -6.76 7.18 -8.02
CA ALA A 112 -8.14 7.63 -7.84
C ALA A 112 -8.38 9.06 -8.34
N ASP A 113 -7.36 9.92 -8.21
CA ASP A 113 -7.54 11.36 -8.40
C ASP A 113 -6.97 11.96 -9.69
N ASP A 114 -5.92 11.35 -10.23
CA ASP A 114 -5.32 11.87 -11.45
C ASP A 114 -6.19 11.50 -12.65
N PRO A 115 -6.62 12.51 -13.44
CA PRO A 115 -7.46 12.24 -14.61
C PRO A 115 -6.78 11.33 -15.65
N ASP A 116 -5.45 11.27 -15.61
CA ASP A 116 -4.67 10.41 -16.51
C ASP A 116 -4.66 8.94 -16.09
N SER A 117 -5.12 8.64 -14.88
CA SER A 117 -5.21 7.27 -14.37
C SER A 117 -5.97 6.36 -15.32
N TYR A 118 -5.43 5.16 -15.55
CA TYR A 118 -6.08 4.17 -16.41
C TYR A 118 -7.44 3.75 -15.86
N LEU A 119 -7.61 3.86 -14.54
CA LEU A 119 -8.89 3.56 -13.89
C LEU A 119 -10.00 4.48 -14.38
N HIS A 120 -9.63 5.70 -14.76
CA HIS A 120 -10.58 6.68 -15.30
C HIS A 120 -10.79 6.57 -16.81
N HIS A 121 -9.99 5.73 -17.47
CA HIS A 121 -10.05 5.61 -18.93
C HIS A 121 -10.46 4.21 -19.41
N ASP A 122 -10.43 3.23 -18.51
CA ASP A 122 -10.76 1.86 -18.87
C ASP A 122 -11.51 1.19 -17.70
N SER A 123 -12.80 0.95 -17.91
CA SER A 123 -13.67 0.46 -16.83
C SER A 123 -13.46 -1.00 -16.44
N ALA A 124 -12.71 -1.75 -17.25
CA ALA A 124 -12.34 -3.11 -16.90
C ALA A 124 -10.85 -3.26 -16.58
N SER A 125 -10.23 -2.16 -16.17
CA SER A 125 -8.87 -2.20 -15.64
C SER A 125 -8.91 -2.17 -14.11
N PHE A 126 -7.93 -2.81 -13.48
CA PHE A 126 -7.87 -2.91 -12.03
C PHE A 126 -6.46 -2.59 -11.54
N ALA A 127 -6.34 -2.23 -10.27
CA ALA A 127 -5.08 -1.85 -9.66
C ALA A 127 -4.78 -2.61 -8.38
N SER A 128 -3.52 -3.00 -8.21
CA SER A 128 -3.05 -3.60 -6.97
C SER A 128 -1.62 -3.14 -6.67
N ALA A 129 -1.19 -3.35 -5.43
CA ALA A 129 0.15 -2.98 -5.01
C ALA A 129 0.83 -4.15 -4.32
N VAL A 130 2.14 -4.27 -4.54
CA VAL A 130 2.95 -5.29 -3.89
C VAL A 130 4.16 -4.61 -3.24
N GLY A 131 4.18 -4.63 -1.91
CA GLY A 131 5.25 -4.02 -1.12
C GLY A 131 6.27 -5.04 -0.66
N ARG A 132 7.01 -5.60 -1.61
CA ARG A 132 8.04 -6.61 -1.35
C ARG A 132 9.15 -6.38 -2.36
N SER A 133 10.40 -6.33 -1.91
CA SER A 133 11.54 -6.08 -2.80
C SER A 133 11.48 -6.91 -4.08
N PHE A 134 11.68 -6.26 -5.23
CA PHE A 134 11.68 -6.98 -6.51
C PHE A 134 12.96 -7.79 -6.77
N TYR A 135 13.85 -7.85 -5.79
CA TYR A 135 14.99 -8.77 -5.87
C TYR A 135 14.67 -10.17 -5.38
N THR A 136 13.39 -10.41 -5.12
CA THR A 136 12.86 -11.76 -4.91
C THR A 136 11.62 -11.94 -5.81
N GLN A 137 11.09 -13.15 -5.90
CA GLN A 137 9.85 -13.38 -6.65
C GLN A 137 8.66 -12.88 -5.85
N ILE A 138 7.86 -12.02 -6.46
CA ILE A 138 6.76 -11.34 -5.76
C ILE A 138 5.39 -11.52 -6.43
N LEU A 139 5.39 -12.18 -7.58
CA LEU A 139 4.14 -12.52 -8.28
C LEU A 139 4.15 -13.98 -8.70
N PRO A 140 2.97 -14.62 -8.78
CA PRO A 140 2.89 -16.02 -9.20
C PRO A 140 3.60 -16.30 -10.53
N SER A 141 4.27 -17.45 -10.62
CA SER A 141 4.95 -17.86 -11.85
C SER A 141 4.01 -17.88 -13.06
N ASN A 142 4.54 -17.40 -14.20
CA ASN A 142 3.86 -17.48 -15.50
C ASN A 142 2.57 -16.65 -15.64
N THR A 143 2.40 -15.64 -14.82
CA THR A 143 1.14 -14.87 -14.83
C THR A 143 1.23 -13.48 -15.45
N VAL A 144 2.45 -12.97 -15.64
CA VAL A 144 2.64 -11.60 -16.11
C VAL A 144 2.88 -11.59 -17.62
N SER A 145 1.99 -10.95 -18.37
CA SER A 145 2.15 -10.84 -19.81
C SER A 145 3.14 -9.75 -20.20
N LEU A 146 3.12 -8.66 -19.43
CA LEU A 146 3.90 -7.47 -19.73
C LEU A 146 4.50 -6.89 -18.47
N GLY A 147 5.82 -6.73 -18.46
CA GLY A 147 6.51 -6.11 -17.33
C GLY A 147 7.09 -4.77 -17.75
N TRP A 148 7.06 -3.82 -16.82
CA TRP A 148 7.61 -2.48 -17.02
C TRP A 148 8.40 -2.10 -15.79
N SER A 149 9.60 -1.56 -15.98
CA SER A 149 10.36 -1.02 -14.84
C SER A 149 11.18 0.17 -15.31
N SER A 150 10.84 1.36 -14.83
CA SER A 150 11.58 2.56 -15.18
C SER A 150 12.22 3.22 -13.97
N TRP A 151 13.49 3.58 -14.09
CA TRP A 151 14.22 4.35 -13.09
C TRP A 151 14.30 3.67 -11.72
N ALA A 152 14.25 2.34 -11.70
CA ALA A 152 14.20 1.58 -10.45
C ALA A 152 15.38 0.65 -10.19
N ILE A 153 15.84 -0.06 -11.23
CA ILE A 153 16.82 -1.12 -11.03
CA ILE A 153 16.83 -1.13 -11.07
C ILE A 153 18.25 -0.63 -10.76
N GLN A 154 18.47 0.68 -10.93
CA GLN A 154 19.77 1.25 -10.57
C GLN A 154 19.97 1.30 -9.05
N TRP A 155 18.87 1.16 -8.31
CA TRP A 155 18.91 1.12 -6.85
C TRP A 155 19.37 -0.24 -6.36
N LEU A 156 20.53 -0.26 -5.72
CA LEU A 156 21.06 -1.50 -5.13
C LEU A 156 20.15 -2.03 -4.04
N SER A 157 20.17 -3.34 -3.86
CA SER A 157 19.43 -4.00 -2.79
C SER A 157 19.94 -3.53 -1.43
N ARG A 158 21.20 -3.13 -1.38
CA ARG A 158 21.87 -2.74 -0.14
C ARG A 158 23.18 -2.01 -0.44
N ILE A 159 23.67 -1.26 0.54
CA ILE A 159 25.09 -0.94 0.60
C ILE A 159 25.79 -2.28 0.77
N PRO A 160 26.75 -2.59 -0.12
CA PRO A 160 27.46 -3.87 -0.08
C PRO A 160 28.11 -4.10 1.30
N ALA A 161 28.02 -5.33 1.81
CA ALA A 161 28.62 -5.67 3.09
C ALA A 161 30.12 -5.45 3.04
N GLY A 162 30.67 -4.86 4.11
CA GLY A 162 32.11 -4.61 4.22
C GLY A 162 32.68 -3.57 3.27
N ALA A 163 31.83 -2.94 2.47
CA ALA A 163 32.27 -1.86 1.58
C ALA A 163 32.80 -0.70 2.40
N PRO A 164 33.92 -0.08 1.96
CA PRO A 164 34.46 1.07 2.67
C PRO A 164 33.50 2.25 2.61
N GLU A 165 33.51 3.09 3.65
CA GLU A 165 32.72 4.31 3.64
C GLU A 165 33.15 5.15 2.45
N LEU A 166 32.18 5.64 1.69
CA LEU A 166 32.47 6.53 0.57
C LEU A 166 32.97 7.86 1.10
N THR A 167 34.27 7.91 1.41
CA THR A 167 34.89 9.14 1.89
C THR A 167 34.94 10.17 0.77
N ASP A 168 34.46 11.37 1.09
CA ASP A 168 34.46 12.54 0.18
C ASP A 168 33.42 12.48 -0.95
N HIS A 169 32.62 11.40 -0.99
CA HIS A 169 31.63 11.23 -2.07
C HIS A 169 30.31 10.61 -1.60
N VAL A 170 29.26 10.81 -2.39
CA VAL A 170 27.96 10.16 -2.15
C VAL A 170 27.54 9.21 -3.29
N GLN A 171 28.16 9.36 -4.46
CA GLN A 171 27.95 8.46 -5.61
C GLN A 171 29.26 7.71 -5.94
N VAL A 172 29.19 6.40 -6.02
CA VAL A 172 30.37 5.54 -6.17
C VAL A 172 31.15 5.77 -7.49
N ALA A 173 30.45 6.20 -8.54
CA ALA A 173 31.09 6.46 -9.83
C ALA A 173 32.17 7.52 -9.71
N TYR A 174 31.99 8.43 -8.75
CA TYR A 174 32.93 9.54 -8.54
C TYR A 174 33.95 9.25 -7.43
N SER A 175 33.84 8.07 -6.81
CA SER A 175 34.78 7.65 -5.77
C SER A 175 36.14 7.24 -6.32
N LYS A 176 37.20 7.51 -5.55
CA LYS A 176 38.57 7.14 -5.93
C LYS A 176 38.97 5.81 -5.27
N ASP A 177 38.10 5.28 -4.41
CA ASP A 177 38.36 4.04 -3.70
C ASP A 177 38.05 2.83 -4.58
N GLU A 178 39.10 2.11 -4.98
CA GLU A 178 38.99 0.94 -5.85
C GLU A 178 38.13 -0.16 -5.25
N ARG A 179 38.33 -0.42 -3.96
CA ARG A 179 37.60 -1.47 -3.25
C ARG A 179 36.11 -1.17 -3.15
N ALA A 180 35.77 0.10 -2.93
CA ALA A 180 34.37 0.54 -2.91
C ALA A 180 33.71 0.35 -4.28
N ARG A 181 34.41 0.79 -5.33
CA ARG A 181 33.90 0.65 -6.70
C ARG A 181 33.63 -0.81 -7.07
N ALA A 182 34.55 -1.70 -6.72
CA ALA A 182 34.42 -3.14 -7.01
C ALA A 182 33.25 -3.75 -6.24
N ALA A 183 33.11 -3.38 -4.98
CA ALA A 183 32.04 -3.89 -4.12
C ALA A 183 30.67 -3.47 -4.65
N TYR A 184 30.55 -2.20 -5.04
CA TYR A 184 29.29 -1.71 -5.61
C TYR A 184 29.00 -2.37 -6.96
N ALA A 185 30.04 -2.55 -7.79
CA ALA A 185 29.86 -3.21 -9.09
C ALA A 185 29.38 -4.65 -8.92
N HIS A 186 29.96 -5.36 -7.96
CA HIS A 186 29.56 -6.74 -7.71
C HIS A 186 28.13 -6.84 -7.20
N GLN A 187 27.75 -5.93 -6.30
CA GLN A 187 26.37 -5.87 -5.80
C GLN A 187 25.39 -5.61 -6.95
N ALA A 188 25.74 -4.69 -7.84
CA ALA A 188 24.90 -4.42 -9.01
C ALA A 188 24.76 -5.65 -9.91
N ALA A 189 25.86 -6.38 -10.09
CA ALA A 189 25.87 -7.56 -10.95
C ALA A 189 24.97 -8.67 -10.39
N THR A 190 25.04 -8.90 -9.08
CA THR A 190 24.20 -9.95 -8.49
C THR A 190 22.74 -9.51 -8.39
N ASP A 191 22.51 -8.22 -8.14
CA ASP A 191 21.14 -7.65 -8.13
C ASP A 191 20.47 -7.83 -9.49
N TRP A 192 21.22 -7.58 -10.56
CA TRP A 192 20.69 -7.69 -11.92
C TRP A 192 20.35 -9.13 -12.23
N GLN A 193 21.25 -10.06 -11.87
CA GLN A 193 20.95 -11.49 -12.01
C GLN A 193 19.69 -11.89 -11.25
N ASP A 194 19.53 -11.38 -10.03
CA ASP A 194 18.37 -11.68 -9.19
C ASP A 194 17.09 -11.16 -9.85
N PHE A 195 17.12 -9.89 -10.25
CA PHE A 195 15.98 -9.26 -10.91
C PHE A 195 15.55 -10.08 -12.11
N LEU A 196 16.51 -10.43 -12.97
CA LEU A 196 16.21 -11.20 -14.17
C LEU A 196 15.68 -12.59 -13.85
N ALA A 197 16.28 -13.26 -12.87
CA ALA A 197 15.89 -14.62 -12.49
C ALA A 197 14.42 -14.66 -12.08
N PHE A 198 14.00 -13.69 -11.29
CA PHE A 198 12.64 -13.69 -10.77
C PHE A 198 11.59 -13.16 -11.75
N ARG A 199 11.95 -12.18 -12.57
CA ARG A 199 11.08 -11.77 -13.67
C ARG A 199 10.91 -12.91 -14.67
N GLY A 200 11.97 -13.69 -14.86
CA GLY A 200 11.93 -14.86 -15.75
C GLY A 200 10.93 -15.91 -15.30
N ARG A 201 10.68 -15.97 -14.00
CA ARG A 201 9.68 -16.89 -13.45
C ARG A 201 8.28 -16.31 -13.55
N GLU A 202 8.16 -15.00 -13.29
CA GLU A 202 6.87 -14.33 -13.26
C GLU A 202 6.22 -14.15 -14.63
N LEU A 203 7.04 -13.89 -15.65
CA LEU A 203 6.51 -13.71 -17.01
C LEU A 203 5.87 -14.99 -17.55
N CYS A 204 4.79 -14.82 -18.32
CA CYS A 204 4.24 -15.89 -19.16
C CYS A 204 5.30 -16.28 -20.19
N PRO A 205 5.32 -17.56 -20.62
CA PRO A 205 6.14 -17.87 -21.79
C PRO A 205 5.77 -16.96 -22.97
N GLY A 206 6.77 -16.38 -23.62
CA GLY A 206 6.54 -15.42 -24.69
C GLY A 206 6.29 -13.99 -24.20
N GLY A 207 6.30 -13.81 -22.88
CA GLY A 207 6.05 -12.50 -22.27
C GLY A 207 7.20 -11.54 -22.52
N ARG A 208 6.95 -10.25 -22.29
CA ARG A 208 7.96 -9.22 -22.52
C ARG A 208 8.10 -8.29 -21.32
N LEU A 209 9.34 -7.91 -21.04
CA LEU A 209 9.66 -6.98 -19.97
C LEU A 209 10.47 -5.82 -20.54
N VAL A 210 9.97 -4.59 -20.34
CA VAL A 210 10.68 -3.39 -20.80
C VAL A 210 11.31 -2.71 -19.59
N VAL A 211 12.62 -2.48 -19.68
CA VAL A 211 13.38 -1.88 -18.58
C VAL A 211 14.03 -0.59 -19.05
N LEU A 212 13.90 0.45 -18.23
CA LEU A 212 14.59 1.72 -18.45
C LEU A 212 15.40 1.99 -17.19
N THR A 213 16.70 2.16 -17.35
CA THR A 213 17.55 2.39 -16.17
C THR A 213 18.66 3.39 -16.44
N MET A 214 19.25 3.89 -15.35
CA MET A 214 20.44 4.73 -15.45
C MET A 214 21.61 3.91 -16.00
N ALA A 215 22.34 4.50 -16.92
CA ALA A 215 23.44 3.82 -17.58
C ALA A 215 24.72 4.65 -17.52
N LEU A 216 25.82 4.03 -17.90
CA LEU A 216 27.03 4.77 -18.21
C LEU A 216 27.00 5.07 -19.71
N ASP A 217 27.50 6.24 -20.10
CA ASP A 217 27.49 6.62 -21.52
C ASP A 217 28.62 5.93 -22.29
N GLU A 218 28.73 6.27 -23.58
CA GLU A 218 29.76 5.72 -24.49
C GLU A 218 31.15 5.71 -23.88
N HIS A 219 31.44 6.70 -23.04
CA HIS A 219 32.77 6.94 -22.49
C HIS A 219 32.90 6.41 -21.07
N GLY A 220 31.88 5.69 -20.61
CA GLY A 220 31.88 5.10 -19.28
C GLY A 220 31.56 6.08 -18.17
N HIS A 221 30.86 7.16 -18.51
CA HIS A 221 30.58 8.22 -17.54
C HIS A 221 29.15 8.21 -17.00
N PHE A 222 29.04 8.61 -15.74
CA PHE A 222 27.78 8.57 -15.00
C PHE A 222 26.83 9.70 -15.41
N GLY A 223 27.40 10.85 -15.76
CA GLY A 223 26.62 12.03 -16.10
C GLY A 223 26.25 12.87 -14.88
N TYR A 224 25.35 13.83 -15.08
CA TYR A 224 24.91 14.77 -14.03
C TYR A 224 26.08 15.42 -13.29
N ARG A 225 27.19 15.66 -14.00
CA ARG A 225 28.40 16.15 -13.32
C ARG A 225 28.19 17.47 -12.56
N PRO A 226 27.60 18.50 -13.21
CA PRO A 226 27.38 19.75 -12.46
C PRO A 226 26.49 19.56 -11.23
N MET A 227 25.50 18.68 -11.35
CA MET A 227 24.62 18.33 -10.21
CA MET A 227 24.63 18.32 -10.22
C MET A 227 25.42 17.67 -9.09
N ASN A 228 26.23 16.68 -9.43
CA ASN A 228 27.07 15.95 -8.48
CA ASN A 228 27.02 15.98 -8.44
C ASN A 228 28.00 16.90 -7.72
N ASP A 229 28.62 17.80 -8.48
CA ASP A 229 29.53 18.78 -7.90
C ASP A 229 28.80 19.71 -6.93
N ALA A 230 27.63 20.20 -7.34
CA ALA A 230 26.81 21.07 -6.50
C ALA A 230 26.36 20.38 -5.22
N LEU A 231 25.99 19.10 -5.33
CA LEU A 231 25.53 18.33 -4.17
C LEU A 231 26.64 18.15 -3.13
N VAL A 232 27.82 17.74 -3.58
CA VAL A 232 28.98 17.55 -2.70
C VAL A 232 29.36 18.88 -2.02
N ALA A 233 29.39 19.95 -2.83
CA ALA A 233 29.73 21.28 -2.30
C ALA A 233 28.72 21.75 -1.24
N ALA A 234 27.43 21.52 -1.52
CA ALA A 234 26.36 21.89 -0.59
C ALA A 234 26.43 21.11 0.72
N LEU A 235 26.72 19.81 0.64
CA LEU A 235 26.89 18.98 1.84
C LEU A 235 28.08 19.46 2.67
N ASN A 236 29.19 19.76 1.99
CA ASN A 236 30.36 20.33 2.66
C ASN A 236 30.05 21.66 3.34
N ASP A 237 29.24 22.49 2.69
CA ASP A 237 28.78 23.76 3.28
C ASP A 237 28.00 23.52 4.58
N GLN A 238 27.14 22.49 4.60
CA GLN A 238 26.35 22.18 5.79
C GLN A 238 27.23 21.74 6.96
N VAL A 239 28.28 20.97 6.67
CA VAL A 239 29.22 20.56 7.71
C VAL A 239 29.96 21.79 8.25
N ARG A 240 30.49 22.60 7.34
CA ARG A 240 31.25 23.80 7.71
C ARG A 240 30.43 24.78 8.54
N ASP A 241 29.13 24.86 8.27
CA ASP A 241 28.24 25.80 8.94
C ASP A 241 27.59 25.22 10.21
N GLY A 242 27.96 24.00 10.56
CA GLY A 242 27.47 23.36 11.79
C GLY A 242 26.08 22.79 11.72
N LEU A 243 25.58 22.58 10.51
CA LEU A 243 24.24 22.02 10.30
C LEU A 243 24.26 20.51 10.11
N LEU A 244 25.45 19.98 9.83
CA LEU A 244 25.64 18.56 9.59
C LEU A 244 26.93 18.11 10.25
N ARG A 245 26.87 16.97 10.95
CA ARG A 245 28.05 16.41 11.60
C ARG A 245 28.97 15.74 10.58
N PRO A 246 30.30 15.91 10.74
CA PRO A 246 31.26 15.23 9.87
C PRO A 246 31.01 13.72 9.77
N GLU A 247 30.62 13.12 10.89
CA GLU A 247 30.33 11.68 10.97
C GLU A 247 29.10 11.30 10.15
N GLU A 248 28.10 12.19 10.14
CA GLU A 248 26.89 11.98 9.34
C GLU A 248 27.20 12.00 7.84
N LEU A 249 28.01 12.97 7.41
CA LEU A 249 28.41 13.07 6.00
C LEU A 249 29.24 11.86 5.55
N ARG A 250 30.13 11.39 6.42
CA ARG A 250 30.92 10.19 6.14
C ARG A 250 30.00 8.99 5.89
N ARG A 251 28.93 8.91 6.67
CA ARG A 251 27.93 7.84 6.62
C ARG A 251 27.07 7.87 5.35
N MET A 252 26.91 9.06 4.76
CA MET A 252 26.04 9.21 3.59
C MET A 252 26.58 8.52 2.35
N ALA A 253 25.72 7.72 1.72
CA ALA A 253 26.04 7.05 0.47
C ALA A 253 24.75 6.75 -0.26
N ILE A 254 24.71 7.04 -1.55
CA ILE A 254 23.56 6.69 -2.38
C ILE A 254 23.81 5.31 -3.00
N PRO A 255 23.01 4.30 -2.62
CA PRO A 255 23.17 2.97 -3.23
C PRO A 255 22.57 2.91 -4.63
N VAL A 256 23.19 3.64 -5.56
CA VAL A 256 22.80 3.67 -6.96
C VAL A 256 24.00 3.31 -7.83
N VAL A 257 23.79 2.40 -8.78
CA VAL A 257 24.83 2.04 -9.73
C VAL A 257 24.27 2.13 -11.15
N ALA A 258 24.92 2.93 -11.99
CA ALA A 258 24.61 3.03 -13.42
C ALA A 258 25.39 1.96 -14.16
N ARG A 259 24.72 1.23 -15.04
CA ARG A 259 25.32 0.09 -15.75
C ARG A 259 25.72 0.41 -17.19
N ALA A 260 26.88 -0.10 -17.61
CA ALA A 260 27.29 -0.04 -19.01
C ALA A 260 26.59 -1.13 -19.81
N GLU A 261 26.58 -1.01 -21.15
CA GLU A 261 26.01 -2.06 -22.01
C GLU A 261 26.56 -3.44 -21.62
N LYS A 262 27.88 -3.53 -21.44
CA LYS A 262 28.52 -4.80 -21.09
C LYS A 262 27.97 -5.37 -19.78
N ASP A 263 27.70 -4.51 -18.80
CA ASP A 263 27.12 -4.95 -17.53
C ASP A 263 25.72 -5.52 -17.72
N LEU A 264 24.92 -4.83 -18.55
CA LEU A 264 23.55 -5.28 -18.81
C LEU A 264 23.51 -6.62 -19.55
N ARG A 265 24.48 -6.83 -20.44
CA ARG A 265 24.56 -8.08 -21.21
C ARG A 265 25.23 -9.24 -20.45
N ALA A 266 25.91 -8.93 -19.34
CA ALA A 266 26.73 -9.92 -18.62
C ALA A 266 26.05 -11.27 -18.28
N PRO A 267 24.80 -11.24 -17.77
CA PRO A 267 24.19 -12.56 -17.45
C PRO A 267 23.90 -13.43 -18.67
N PHE A 268 23.83 -12.81 -19.84
CA PHE A 268 23.41 -13.47 -21.08
C PHE A 268 24.58 -14.00 -21.92
N ALA A 269 25.77 -13.44 -21.72
CA ALA A 269 26.94 -13.77 -22.52
C ALA A 269 27.47 -15.17 -22.20
N PRO A 270 27.91 -15.92 -23.22
CA PRO A 270 27.96 -15.55 -24.64
C PRO A 270 26.81 -16.07 -25.52
N ARG A 271 26.00 -16.99 -25.00
CA ARG A 271 24.98 -17.67 -25.81
C ARG A 271 23.65 -16.92 -25.92
N GLY A 272 23.49 -15.85 -25.13
CA GLY A 272 22.35 -14.95 -25.27
C GLY A 272 21.17 -15.15 -24.32
N TRP A 273 21.20 -16.21 -23.50
CA TRP A 273 20.07 -16.53 -22.62
C TRP A 273 20.47 -16.58 -21.15
N PHE A 274 19.56 -16.15 -20.29
CA PHE A 274 19.75 -16.26 -18.85
C PHE A 274 18.39 -16.53 -18.20
N GLU A 275 18.28 -17.69 -17.57
CA GLU A 275 17.07 -18.07 -16.82
C GLU A 275 15.79 -17.92 -17.66
N GLY A 276 15.89 -18.28 -18.94
CA GLY A 276 14.74 -18.25 -19.85
C GLY A 276 14.48 -16.91 -20.52
N LEU A 277 15.31 -15.92 -20.24
CA LEU A 277 15.18 -14.60 -20.84
C LEU A 277 16.30 -14.30 -21.84
N THR A 278 15.97 -13.49 -22.84
CA THR A 278 16.96 -12.99 -23.79
C THR A 278 16.74 -11.49 -24.02
N ILE A 279 17.80 -10.78 -24.37
CA ILE A 279 17.66 -9.38 -24.76
C ILE A 279 17.23 -9.29 -26.23
N GLU A 280 16.01 -8.83 -26.45
CA GLU A 280 15.47 -8.64 -27.80
C GLU A 280 15.96 -7.32 -28.40
N GLN A 281 15.97 -6.27 -27.59
CA GLN A 281 16.45 -4.97 -28.04
C GLN A 281 17.14 -4.25 -26.89
N LEU A 282 18.24 -3.57 -27.21
CA LEU A 282 18.95 -2.76 -26.23
C LEU A 282 19.39 -1.46 -26.88
N ASP A 283 19.11 -0.34 -26.20
CA ASP A 283 19.57 0.96 -26.66
C ASP A 283 20.18 1.72 -25.50
N VAL A 284 21.27 2.43 -25.78
CA VAL A 284 21.93 3.29 -24.82
C VAL A 284 21.93 4.70 -25.41
N PHE A 285 21.47 5.67 -24.64
CA PHE A 285 21.27 7.04 -25.15
C PHE A 285 21.30 8.05 -24.03
N ASN A 286 21.53 9.31 -24.38
CA ASN A 286 21.39 10.41 -23.43
C ASN A 286 20.04 11.07 -23.63
N ALA A 287 19.27 11.18 -22.54
CA ALA A 287 17.98 11.86 -22.59
C ALA A 287 18.21 13.33 -22.87
N GLU A 288 17.31 13.94 -23.66
CA GLU A 288 17.39 15.38 -23.87
C GLU A 288 17.28 16.12 -22.54
N ASP A 289 18.21 17.04 -22.32
CA ASP A 289 18.26 17.84 -21.09
C ASP A 289 17.21 18.95 -21.21
N ARG A 290 16.01 18.68 -20.71
CA ARG A 290 14.88 19.62 -20.88
C ARG A 290 15.04 20.89 -20.03
N PHE A 291 15.68 20.75 -18.87
CA PHE A 291 15.92 21.93 -18.01
C PHE A 291 16.87 22.91 -18.70
N TRP A 292 17.96 22.40 -19.28
CA TRP A 292 18.87 23.22 -20.07
C TRP A 292 18.17 23.84 -21.30
N ALA A 293 17.38 23.03 -22.00
CA ALA A 293 16.62 23.51 -23.16
C ALA A 293 15.71 24.68 -22.79
N ALA A 294 14.98 24.54 -21.69
CA ALA A 294 14.11 25.62 -21.19
C ALA A 294 14.91 26.87 -20.88
N PHE A 295 16.05 26.71 -20.21
CA PHE A 295 16.91 27.84 -19.87
C PHE A 295 17.43 28.57 -21.12
N GLN A 296 17.80 27.81 -22.14
CA GLN A 296 18.23 28.41 -23.40
C GLN A 296 17.11 29.26 -24.03
N SER A 297 15.86 28.87 -23.78
CA SER A 297 14.70 29.58 -24.34
C SER A 297 14.32 30.82 -23.52
N ASP A 298 14.28 30.68 -22.19
CA ASP A 298 13.72 31.74 -21.34
C ASP A 298 14.71 32.49 -20.42
N GLY A 299 15.93 31.98 -20.31
CA GLY A 299 16.99 32.62 -19.52
C GLY A 299 16.74 32.71 -18.02
N ASP A 300 15.78 31.93 -17.53
CA ASP A 300 15.41 31.95 -16.12
C ASP A 300 16.33 31.00 -15.34
N ALA A 301 17.41 31.54 -14.80
CA ALA A 301 18.40 30.75 -14.07
C ALA A 301 17.83 30.19 -12.77
N GLU A 302 16.95 30.94 -12.12
CA GLU A 302 16.35 30.52 -10.86
C GLU A 302 15.47 29.29 -11.06
N SER A 303 14.67 29.28 -12.14
CA SER A 303 13.84 28.14 -12.47
C SER A 303 14.71 26.93 -12.80
N PHE A 304 15.77 27.17 -13.56
CA PHE A 304 16.74 26.13 -13.91
C PHE A 304 17.28 25.42 -12.66
N GLY A 305 17.76 26.21 -11.70
CA GLY A 305 18.27 25.67 -10.45
C GLY A 305 17.23 24.91 -9.66
N ALA A 306 16.01 25.45 -9.60
CA ALA A 306 14.91 24.86 -8.83
C ALA A 306 14.48 23.51 -9.40
N GLN A 307 14.44 23.41 -10.73
CA GLN A 307 14.04 22.16 -11.38
C GLN A 307 15.05 21.04 -11.10
N TRP A 308 16.33 21.34 -11.27
CA TRP A 308 17.38 20.38 -10.97
C TRP A 308 17.40 19.98 -9.49
N ALA A 309 17.31 20.96 -8.60
CA ALA A 309 17.36 20.69 -7.17
C ALA A 309 16.13 19.90 -6.68
N GLY A 310 14.97 20.18 -7.25
CA GLY A 310 13.74 19.43 -6.93
C GLY A 310 13.85 17.97 -7.35
N PHE A 311 14.42 17.74 -8.54
CA PHE A 311 14.69 16.40 -9.03
C PHE A 311 15.58 15.63 -8.06
N ALA A 312 16.70 16.25 -7.67
CA ALA A 312 17.63 15.63 -6.72
C ALA A 312 16.97 15.37 -5.37
N ARG A 313 16.20 16.35 -4.90
CA ARG A 313 15.55 16.24 -3.59
C ARG A 313 14.62 15.04 -3.48
N ALA A 314 13.70 14.91 -4.42
CA ALA A 314 12.67 13.86 -4.32
C ALA A 314 13.26 12.46 -4.41
N ALA A 315 14.30 12.29 -5.22
CA ALA A 315 14.86 10.97 -5.49
C ALA A 315 16.01 10.58 -4.57
N LEU A 316 16.82 11.56 -4.16
CA LEU A 316 18.06 11.29 -3.43
C LEU A 316 18.06 11.66 -1.95
N PHE A 317 17.37 12.74 -1.60
CA PHE A 317 17.50 13.30 -0.24
C PHE A 317 16.95 12.42 0.89
N PRO A 318 15.89 11.61 0.64
CA PRO A 318 15.50 10.71 1.73
C PRO A 318 16.60 9.72 2.10
N THR A 319 17.34 9.21 1.10
CA THR A 319 18.47 8.32 1.36
C THR A 319 19.59 9.02 2.13
N LEU A 320 19.85 10.28 1.80
CA LEU A 320 20.83 11.06 2.55
C LEU A 320 20.37 11.33 3.98
N ALA A 321 19.10 11.68 4.14
CA ALA A 321 18.53 12.00 5.45
C ALA A 321 18.55 10.81 6.42
N ALA A 322 18.54 9.60 5.86
CA ALA A 322 18.59 8.37 6.66
C ALA A 322 19.92 8.20 7.40
N ALA A 323 20.95 8.92 6.96
CA ALA A 323 22.25 8.88 7.62
C ALA A 323 22.34 9.77 8.86
N LEU A 324 21.36 10.65 9.04
CA LEU A 324 21.36 11.60 10.18
C LEU A 324 21.18 10.89 11.51
N ASP A 325 21.78 11.46 12.55
CA ASP A 325 21.69 10.90 13.90
C ASP A 325 20.29 11.03 14.50
N CYS A 326 19.56 12.06 14.06
CA CYS A 326 18.15 12.22 14.45
C CYS A 326 17.27 11.26 13.66
N GLY A 327 15.99 11.20 13.98
CA GLY A 327 15.05 10.40 13.21
C GLY A 327 14.76 11.01 11.84
N THR A 328 14.22 10.21 10.93
CA THR A 328 13.76 10.72 9.64
C THR A 328 12.46 11.50 9.80
N GLY A 329 11.78 11.31 10.93
CA GLY A 329 10.57 12.06 11.27
C GLY A 329 10.86 13.31 12.08
N ASP A 330 12.14 13.53 12.40
CA ASP A 330 12.58 14.68 13.19
C ASP A 330 12.55 15.95 12.34
N PRO A 331 12.14 17.09 12.93
CA PRO A 331 12.17 18.40 12.26
C PRO A 331 13.55 18.76 11.71
N ARG A 332 14.62 18.26 12.34
CA ARG A 332 15.98 18.50 11.87
C ARG A 332 16.24 17.87 10.50
N ALA A 333 15.64 16.70 10.26
CA ALA A 333 15.74 16.02 8.96
C ALA A 333 15.04 16.80 7.84
N THR A 334 13.87 17.34 8.15
CA THR A 334 13.12 18.20 7.23
C THR A 334 13.93 19.46 6.88
N ALA A 335 14.51 20.10 7.90
CA ALA A 335 15.32 21.29 7.69
C ALA A 335 16.53 21.00 6.82
N PHE A 336 17.14 19.83 7.05
CA PHE A 336 18.28 19.36 6.26
C PHE A 336 17.92 19.25 4.77
N ILE A 337 16.82 18.56 4.49
CA ILE A 337 16.33 18.38 3.12
C ILE A 337 16.04 19.72 2.44
N GLU A 338 15.37 20.61 3.17
CA GLU A 338 15.01 21.92 2.63
C GLU A 338 16.22 22.81 2.35
N GLN A 339 17.18 22.84 3.28
CA GLN A 339 18.40 23.64 3.08
C GLN A 339 19.26 23.09 1.96
N LEU A 340 19.40 21.76 1.90
CA LEU A 340 20.21 21.15 0.85
C LEU A 340 19.65 21.47 -0.52
N GLU A 341 18.32 21.42 -0.65
CA GLU A 341 17.66 21.75 -1.90
C GLU A 341 17.96 23.19 -2.32
N ALA A 342 17.80 24.13 -1.38
CA ALA A 342 18.05 25.54 -1.64
C ALA A 342 19.50 25.82 -2.05
N SER A 343 20.44 25.15 -1.40
CA SER A 343 21.86 25.29 -1.69
C SER A 343 22.21 24.80 -3.09
N VAL A 344 21.74 23.60 -3.43
CA VAL A 344 21.97 23.04 -4.76
C VAL A 344 21.33 23.92 -5.85
N ALA A 345 20.12 24.38 -5.58
CA ALA A 345 19.41 25.27 -6.51
C ALA A 345 20.20 26.55 -6.79
N ASP A 346 20.70 27.18 -5.73
CA ASP A 346 21.49 28.41 -5.86
C ASP A 346 22.78 28.20 -6.64
N ARG A 347 23.46 27.09 -6.38
CA ARG A 347 24.73 26.78 -7.04
C ARG A 347 24.55 26.56 -8.54
N LEU A 348 23.51 25.81 -8.90
CA LEU A 348 23.22 25.55 -10.31
C LEU A 348 22.68 26.79 -11.03
N ALA A 349 21.87 27.59 -10.33
CA ALA A 349 21.34 28.83 -10.89
C ALA A 349 22.46 29.83 -11.20
N SER A 350 23.52 29.77 -10.41
CA SER A 350 24.65 30.69 -10.56
C SER A 350 25.49 30.42 -11.82
N GLN A 351 25.45 29.19 -12.31
CA GLN A 351 26.24 28.80 -13.48
C GLN A 351 25.53 27.67 -14.25
N PRO A 352 24.42 27.99 -14.96
CA PRO A 352 23.72 26.93 -15.68
C PRO A 352 24.55 26.29 -16.79
N GLU A 353 24.52 24.95 -16.82
CA GLU A 353 25.30 24.14 -17.75
C GLU A 353 24.46 22.95 -18.16
N PRO A 354 24.60 22.49 -19.42
CA PRO A 354 23.92 21.25 -19.81
C PRO A 354 24.53 20.05 -19.12
N MET A 355 23.74 18.99 -18.92
CA MET A 355 24.21 17.78 -18.26
C MET A 355 23.88 16.54 -19.09
N ARG A 356 24.70 15.52 -18.93
CA ARG A 356 24.44 14.23 -19.56
C ARG A 356 23.52 13.38 -18.68
N ILE A 357 22.50 12.80 -19.30
CA ILE A 357 21.51 11.96 -18.61
C ILE A 357 21.53 10.59 -19.30
N PRO A 358 22.52 9.75 -18.98
CA PRO A 358 22.67 8.51 -19.75
C PRO A 358 21.72 7.41 -19.31
N LEU A 359 20.99 6.84 -20.27
CA LEU A 359 20.00 5.82 -19.99
C LEU A 359 20.20 4.60 -20.87
N ALA A 360 19.66 3.47 -20.41
CA ALA A 360 19.55 2.29 -21.24
C ALA A 360 18.11 1.81 -21.25
N SER A 361 17.61 1.45 -22.43
CA SER A 361 16.32 0.80 -22.54
C SER A 361 16.52 -0.61 -23.11
N LEU A 362 15.82 -1.57 -22.50
CA LEU A 362 15.92 -2.98 -22.91
C LEU A 362 14.54 -3.56 -23.05
N VAL A 363 14.36 -4.41 -24.06
CA VAL A 363 13.20 -5.28 -24.14
C VAL A 363 13.71 -6.70 -23.92
N LEU A 364 13.17 -7.36 -22.89
CA LEU A 364 13.53 -8.74 -22.59
C LEU A 364 12.36 -9.65 -22.95
N ALA A 365 12.69 -10.81 -23.53
CA ALA A 365 11.68 -11.78 -23.93
C ALA A 365 11.90 -13.11 -23.22
N LYS A 366 10.80 -13.71 -22.74
CA LYS A 366 10.86 -15.06 -22.17
C LYS A 366 10.61 -16.08 -23.28
N ARG A 367 11.37 -17.18 -23.24
CA ARG A 367 11.25 -18.27 -24.21
C ARG A 367 9.79 -18.71 -24.36
N ALA A 368 9.39 -18.99 -25.60
CA ALA A 368 8.05 -19.46 -25.91
C ALA A 368 7.89 -20.92 -25.53
N VAL B 12 -16.76 16.96 0.43
CA VAL B 12 -18.19 17.13 0.82
C VAL B 12 -18.83 15.80 1.29
N VAL B 13 -18.29 14.68 0.82
CA VAL B 13 -18.71 13.37 1.31
C VAL B 13 -17.83 12.99 2.50
N VAL B 14 -18.43 12.95 3.70
CA VAL B 14 -17.69 12.72 4.94
C VAL B 14 -17.56 11.22 5.24
N ARG B 15 -16.33 10.72 5.22
CA ARG B 15 -16.05 9.31 5.40
C ARG B 15 -15.41 9.03 6.76
N PRO B 16 -15.50 7.78 7.25
CA PRO B 16 -14.77 7.43 8.48
C PRO B 16 -13.26 7.42 8.26
N ALA B 17 -12.51 7.40 9.36
CA ALA B 17 -11.05 7.30 9.30
C ALA B 17 -10.60 5.85 9.51
N PRO B 18 -9.47 5.46 8.88
CA PRO B 18 -8.93 4.11 9.07
C PRO B 18 -8.43 3.89 10.51
N MET B 19 -8.02 2.67 10.83
CA MET B 19 -7.57 2.35 12.18
C MET B 19 -6.26 3.06 12.49
N GLU B 20 -6.00 3.29 13.77
CA GLU B 20 -4.72 3.86 14.18
C GLU B 20 -3.61 2.83 13.94
N SER B 21 -2.82 3.08 12.91
CA SER B 21 -1.76 2.15 12.52
C SER B 21 -0.81 1.80 13.66
N ALA B 22 -0.47 2.81 14.46
CA ALA B 22 0.50 2.64 15.54
C ALA B 22 0.07 1.65 16.62
N THR B 23 -1.24 1.50 16.81
CA THR B 23 -1.74 0.67 17.91
C THR B 23 -2.66 -0.49 17.52
N TYR B 24 -3.15 -0.53 16.28
CA TYR B 24 -4.17 -1.53 15.95
C TYR B 24 -3.74 -2.99 16.19
N SER B 25 -2.52 -3.33 15.81
CA SER B 25 -2.03 -4.70 15.95
C SER B 25 -1.94 -5.16 17.40
N GLN B 26 -1.78 -4.20 18.31
CA GLN B 26 -1.67 -4.49 19.73
C GLN B 26 -3.01 -4.31 20.45
N SER B 27 -3.96 -3.64 19.80
CA SER B 27 -5.24 -3.29 20.42
C SER B 27 -6.46 -3.94 19.75
N SER B 28 -6.24 -5.07 19.08
CA SER B 28 -7.33 -5.74 18.37
C SER B 28 -7.56 -7.19 18.79
N ARG B 29 -7.24 -7.48 20.06
CA ARG B 29 -7.46 -8.81 20.65
C ARG B 29 -8.95 -9.11 20.79
N LEU B 30 -9.75 -8.09 21.07
CA LEU B 30 -11.20 -8.26 21.12
C LEU B 30 -11.71 -8.76 19.77
N GLN B 31 -11.32 -8.07 18.70
CA GLN B 31 -11.73 -8.44 17.36
C GLN B 31 -11.29 -9.85 17.00
N ALA B 32 -10.03 -10.17 17.31
CA ALA B 32 -9.44 -11.49 17.04
C ALA B 32 -10.24 -12.62 17.71
N ALA B 33 -10.58 -12.43 18.98
CA ALA B 33 -11.35 -13.43 19.72
C ALA B 33 -12.77 -13.56 19.17
N GLY B 34 -13.37 -12.44 18.78
CA GLY B 34 -14.72 -12.42 18.25
C GLY B 34 -14.87 -13.10 16.89
N LEU B 35 -13.83 -13.00 16.06
CA LEU B 35 -13.86 -13.59 14.72
C LEU B 35 -13.49 -15.07 14.69
N SER B 36 -13.01 -15.59 15.82
CA SER B 36 -12.55 -16.97 15.93
C SER B 36 -13.54 -18.02 15.35
N PRO B 37 -14.85 -17.94 15.69
CA PRO B 37 -15.83 -18.85 15.10
C PRO B 37 -15.92 -18.79 13.57
N ALA B 38 -15.70 -17.60 13.00
CA ALA B 38 -15.78 -17.42 11.55
C ALA B 38 -14.61 -18.08 10.81
N ILE B 39 -13.47 -18.23 11.48
CA ILE B 39 -12.31 -18.93 10.91
C ILE B 39 -12.69 -20.38 10.58
N THR B 40 -13.44 -21.01 11.48
CA THR B 40 -13.94 -22.37 11.28
C THR B 40 -14.80 -22.48 10.02
N LEU B 41 -15.72 -21.52 9.84
CA LEU B 41 -16.55 -21.47 8.63
C LEU B 41 -15.69 -21.28 7.39
N PHE B 42 -14.68 -20.42 7.50
CA PHE B 42 -13.79 -20.10 6.38
C PHE B 42 -12.96 -21.31 5.98
N GLU B 43 -12.41 -22.00 6.97
CA GLU B 43 -11.67 -23.23 6.77
C GLU B 43 -12.53 -24.29 6.07
N LYS B 44 -13.78 -24.44 6.53
CA LYS B 44 -14.70 -25.41 5.95
C LYS B 44 -15.04 -25.06 4.50
N ALA B 45 -15.19 -23.76 4.24
CA ALA B 45 -15.42 -23.28 2.88
C ALA B 45 -14.24 -23.63 1.96
N ALA B 46 -13.03 -23.50 2.49
CA ALA B 46 -11.80 -23.78 1.74
C ALA B 46 -11.64 -25.27 1.42
N GLN B 47 -12.20 -26.12 2.27
CA GLN B 47 -12.14 -27.57 2.10
C GLN B 47 -13.01 -28.07 0.94
N THR B 48 -14.08 -27.33 0.63
CA THR B 48 -15.13 -27.80 -0.28
C THR B 48 -15.38 -26.93 -1.52
N VAL B 49 -14.90 -25.69 -1.52
CA VAL B 49 -15.15 -24.77 -2.63
C VAL B 49 -14.62 -25.34 -3.96
N PRO B 50 -15.42 -25.22 -5.05
CA PRO B 50 -14.89 -25.58 -6.37
C PRO B 50 -13.69 -24.70 -6.72
N LEU B 51 -12.68 -25.29 -7.34
CA LEU B 51 -11.43 -24.57 -7.57
C LEU B 51 -11.22 -24.25 -9.06
N PRO B 52 -10.37 -23.24 -9.35
CA PRO B 52 -10.05 -22.94 -10.75
C PRO B 52 -9.33 -24.11 -11.40
N ASP B 53 -9.37 -24.16 -12.73
CA ASP B 53 -8.63 -25.20 -13.46
C ASP B 53 -7.13 -25.04 -13.18
N ALA B 54 -6.48 -26.15 -12.84
CA ALA B 54 -5.03 -26.16 -12.66
C ALA B 54 -4.36 -25.75 -13.96
N PRO B 55 -3.25 -24.99 -13.89
CA PRO B 55 -2.57 -24.53 -12.68
C PRO B 55 -2.86 -23.06 -12.35
N GLN B 56 -4.05 -22.58 -12.68
CA GLN B 56 -4.40 -21.17 -12.42
C GLN B 56 -4.31 -20.87 -10.92
N PRO B 57 -3.73 -19.71 -10.56
CA PRO B 57 -3.62 -19.36 -9.15
C PRO B 57 -4.98 -19.34 -8.44
N VAL B 58 -5.00 -19.74 -7.17
CA VAL B 58 -6.22 -19.67 -6.38
C VAL B 58 -6.18 -18.35 -5.61
N VAL B 59 -7.21 -17.53 -5.82
CA VAL B 59 -7.26 -16.19 -5.21
C VAL B 59 -8.14 -16.14 -3.96
N ILE B 60 -7.57 -15.64 -2.88
CA ILE B 60 -8.29 -15.33 -1.65
C ILE B 60 -8.32 -13.81 -1.49
N ALA B 61 -9.49 -13.27 -1.15
CA ALA B 61 -9.62 -11.83 -0.89
C ALA B 61 -9.97 -11.58 0.57
N ASP B 62 -9.31 -10.57 1.14
CA ASP B 62 -9.49 -10.15 2.52
C ASP B 62 -9.94 -8.70 2.50
N TYR B 63 -11.24 -8.49 2.70
CA TYR B 63 -11.84 -7.18 2.57
C TYR B 63 -11.87 -6.42 3.90
N GLY B 64 -11.00 -5.42 4.02
CA GLY B 64 -10.89 -4.61 5.24
C GLY B 64 -9.76 -5.09 6.14
N VAL B 65 -8.56 -5.11 5.57
CA VAL B 65 -7.36 -5.71 6.21
C VAL B 65 -6.76 -4.92 7.39
N ALA B 66 -6.91 -3.60 7.38
CA ALA B 66 -6.17 -2.73 8.30
C ALA B 66 -4.67 -3.07 8.26
N THR B 67 -4.07 -3.31 9.42
CA THR B 67 -2.63 -3.63 9.55
C THR B 67 -2.25 -5.07 9.18
N GLY B 68 -3.26 -5.93 9.05
CA GLY B 68 -3.04 -7.33 8.68
C GLY B 68 -2.93 -8.33 9.81
N HIS B 69 -2.76 -7.83 11.04
CA HIS B 69 -2.51 -8.68 12.21
C HIS B 69 -3.57 -9.77 12.38
N ASN B 70 -4.84 -9.37 12.30
CA ASN B 70 -5.96 -10.29 12.48
C ASN B 70 -6.35 -11.07 11.23
N SER B 71 -5.60 -10.90 10.15
CA SER B 71 -5.85 -11.66 8.93
C SER B 71 -4.99 -12.91 8.83
N LEU B 72 -3.92 -12.95 9.62
CA LEU B 72 -2.94 -14.03 9.50
C LEU B 72 -3.54 -15.40 9.77
N LYS B 73 -4.33 -15.51 10.84
CA LYS B 73 -4.97 -16.78 11.19
C LYS B 73 -6.02 -17.25 10.16
N PRO B 74 -6.99 -16.39 9.78
CA PRO B 74 -7.94 -16.85 8.76
C PRO B 74 -7.28 -17.22 7.42
N MET B 75 -6.30 -16.43 6.97
CA MET B 75 -5.61 -16.74 5.72
C MET B 75 -4.88 -18.08 5.79
N MET B 76 -4.16 -18.32 6.90
CA MET B 76 -3.43 -19.57 7.07
C MET B 76 -4.35 -20.78 7.11
N ALA B 77 -5.50 -20.63 7.77
CA ALA B 77 -6.50 -21.71 7.83
C ALA B 77 -6.99 -22.11 6.44
N ALA B 78 -7.27 -21.11 5.60
CA ALA B 78 -7.68 -21.37 4.21
C ALA B 78 -6.56 -22.00 3.40
N ILE B 79 -5.36 -21.44 3.52
CA ILE B 79 -4.20 -21.92 2.76
C ILE B 79 -3.85 -23.36 3.09
N ASN B 80 -3.84 -23.69 4.38
CA ASN B 80 -3.59 -25.06 4.83
C ASN B 80 -4.62 -26.04 4.27
N ALA B 81 -5.89 -25.62 4.26
CA ALA B 81 -6.97 -26.42 3.67
C ALA B 81 -6.79 -26.61 2.17
N LEU B 82 -6.42 -25.54 1.47
CA LEU B 82 -6.22 -25.60 0.02
C LEU B 82 -5.06 -26.52 -0.36
N ARG B 83 -4.02 -26.54 0.48
CA ARG B 83 -2.82 -27.35 0.22
C ARG B 83 -3.07 -28.86 0.29
N ARG B 84 -4.16 -29.26 0.93
CA ARG B 84 -4.55 -30.67 0.95
C ARG B 84 -5.25 -31.06 -0.35
N ARG B 85 -5.56 -30.06 -1.17
CA ARG B 85 -6.36 -30.25 -2.38
C ARG B 85 -5.60 -29.97 -3.68
N ILE B 86 -4.55 -29.15 -3.60
CA ILE B 86 -3.77 -28.76 -4.79
C ILE B 86 -2.29 -29.09 -4.64
N ARG B 87 -1.56 -29.03 -5.75
CA ARG B 87 -0.11 -29.22 -5.74
C ARG B 87 0.59 -28.20 -4.85
N GLU B 88 1.70 -28.57 -4.25
CA GLU B 88 2.42 -27.66 -3.36
C GLU B 88 3.00 -26.46 -4.12
N ASP B 89 3.29 -26.64 -5.41
CA ASP B 89 3.87 -25.56 -6.21
C ASP B 89 2.84 -24.64 -6.88
N ARG B 90 1.55 -24.93 -6.67
CA ARG B 90 0.50 -24.09 -7.24
C ARG B 90 0.34 -22.78 -6.47
N ALA B 91 0.25 -21.67 -7.20
CA ALA B 91 0.17 -20.35 -6.57
C ALA B 91 -1.16 -20.12 -5.86
N ILE B 92 -1.06 -19.54 -4.67
CA ILE B 92 -2.21 -18.96 -3.98
C ILE B 92 -1.90 -17.47 -3.82
N MET B 93 -2.81 -16.62 -4.29
CA MET B 93 -2.66 -15.17 -4.13
C MET B 93 -3.67 -14.64 -3.14
N VAL B 94 -3.18 -13.92 -2.12
CA VAL B 94 -4.05 -13.24 -1.16
C VAL B 94 -4.08 -11.75 -1.50
N ALA B 95 -5.27 -11.24 -1.78
CA ALA B 95 -5.47 -9.82 -2.04
C ALA B 95 -6.11 -9.17 -0.83
N HIS B 96 -5.33 -8.36 -0.12
CA HIS B 96 -5.81 -7.63 1.06
C HIS B 96 -6.33 -6.27 0.62
N THR B 97 -7.56 -5.93 0.99
CA THR B 97 -8.14 -4.68 0.54
C THR B 97 -8.50 -3.74 1.70
N ASP B 98 -8.38 -2.44 1.46
CA ASP B 98 -8.80 -1.43 2.43
C ASP B 98 -9.03 -0.11 1.69
N VAL B 99 -9.16 0.98 2.44
CA VAL B 99 -9.32 2.31 1.85
C VAL B 99 -7.94 2.85 1.48
N PRO B 100 -7.88 3.83 0.54
CA PRO B 100 -6.57 4.37 0.16
C PRO B 100 -5.70 4.83 1.33
N ASP B 101 -6.31 5.45 2.34
CA ASP B 101 -5.51 6.02 3.44
CA ASP B 101 -5.59 6.04 3.49
C ASP B 101 -5.18 5.04 4.57
N ASN B 102 -5.51 3.76 4.38
CA ASN B 102 -5.02 2.72 5.29
C ASN B 102 -3.48 2.71 5.22
N ASP B 103 -2.82 2.31 6.31
CA ASP B 103 -1.37 2.19 6.32
C ASP B 103 -0.92 0.85 5.74
N PHE B 104 -0.69 0.84 4.44
CA PHE B 104 -0.26 -0.38 3.76
C PHE B 104 1.19 -0.73 4.02
N THR B 105 1.99 0.24 4.43
CA THR B 105 3.35 -0.04 4.87
C THR B 105 3.33 -0.94 6.11
N ALA B 106 2.46 -0.63 7.06
CA ALA B 106 2.28 -1.48 8.24
C ALA B 106 1.86 -2.89 7.83
N LEU B 107 0.96 -2.98 6.85
CA LEU B 107 0.54 -4.29 6.33
C LEU B 107 1.71 -5.08 5.75
N PHE B 108 2.49 -4.45 4.88
CA PHE B 108 3.57 -5.18 4.24
C PHE B 108 4.69 -5.54 5.22
N ARG B 109 4.88 -4.72 6.24
CA ARG B 109 5.80 -5.05 7.33
C ARG B 109 5.29 -6.25 8.15
N THR B 110 3.99 -6.27 8.45
CA THR B 110 3.35 -7.42 9.10
C THR B 110 3.62 -8.71 8.31
N LEU B 111 3.39 -8.64 7.00
CA LEU B 111 3.52 -9.82 6.15
C LEU B 111 4.97 -10.32 6.03
N ALA B 112 5.92 -9.39 6.18
CA ALA B 112 7.33 -9.73 6.10
C ALA B 112 7.92 -10.17 7.45
N ASP B 113 7.47 -9.54 8.53
CA ASP B 113 8.13 -9.68 9.83
C ASP B 113 7.46 -10.62 10.83
N ASP B 114 6.13 -10.70 10.78
CA ASP B 114 5.40 -11.56 11.72
C ASP B 114 5.63 -13.03 11.36
N PRO B 115 6.12 -13.83 12.35
CA PRO B 115 6.35 -15.26 12.15
C PRO B 115 5.11 -16.02 11.69
N ASP B 116 3.93 -15.52 12.06
CA ASP B 116 2.66 -16.16 11.71
C ASP B 116 2.21 -15.88 10.26
N SER B 117 2.89 -14.94 9.58
CA SER B 117 2.57 -14.62 8.19
C SER B 117 2.61 -15.85 7.30
N TYR B 118 1.61 -15.98 6.43
CA TYR B 118 1.51 -17.12 5.51
C TYR B 118 2.69 -17.17 4.52
N LEU B 119 3.30 -16.02 4.26
CA LEU B 119 4.48 -15.95 3.40
C LEU B 119 5.66 -16.71 4.00
N HIS B 120 5.67 -16.83 5.32
CA HIS B 120 6.72 -17.58 6.02
C HIS B 120 6.41 -19.07 6.18
N HIS B 121 5.17 -19.46 5.87
CA HIS B 121 4.73 -20.84 6.03
C HIS B 121 4.47 -21.57 4.73
N ASP B 122 4.18 -20.81 3.67
CA ASP B 122 3.89 -21.37 2.36
C ASP B 122 4.69 -20.65 1.27
N SER B 123 5.62 -21.37 0.65
CA SER B 123 6.54 -20.79 -0.34
C SER B 123 5.88 -20.46 -1.69
N ALA B 124 4.67 -20.97 -1.91
CA ALA B 124 3.93 -20.66 -3.14
C ALA B 124 2.68 -19.81 -2.85
N SER B 125 2.73 -19.06 -1.75
CA SER B 125 1.71 -18.04 -1.48
C SER B 125 2.25 -16.65 -1.78
N PHE B 126 1.37 -15.77 -2.22
CA PHE B 126 1.72 -14.41 -2.62
C PHE B 126 0.76 -13.41 -1.99
N ALA B 127 1.22 -12.16 -1.88
CA ALA B 127 0.44 -11.10 -1.24
C ALA B 127 0.33 -9.86 -2.11
N SER B 128 -0.85 -9.27 -2.12
CA SER B 128 -1.05 -7.97 -2.75
C SER B 128 -2.04 -7.14 -1.95
N ALA B 129 -2.08 -5.84 -2.24
CA ALA B 129 -2.96 -4.92 -1.55
C ALA B 129 -3.76 -4.09 -2.54
N VAL B 130 -5.01 -3.78 -2.17
CA VAL B 130 -5.88 -2.94 -2.98
C VAL B 130 -6.44 -1.81 -2.10
N GLY B 131 -6.08 -0.58 -2.44
CA GLY B 131 -6.51 0.60 -1.66
C GLY B 131 -7.63 1.35 -2.35
N ARG B 132 -8.79 0.71 -2.45
CA ARG B 132 -9.97 1.29 -3.08
C ARG B 132 -11.16 0.76 -2.30
N SER B 133 -12.10 1.65 -1.97
CA SER B 133 -13.29 1.28 -1.20
C SER B 133 -13.97 0.01 -1.72
N PHE B 134 -14.30 -0.92 -0.81
CA PHE B 134 -14.96 -2.17 -1.23
C PHE B 134 -16.46 -2.01 -1.53
N TYR B 135 -16.94 -0.78 -1.54
CA TYR B 135 -18.31 -0.50 -1.98
C TYR B 135 -18.39 -0.27 -3.49
N THR B 136 -17.28 -0.51 -4.18
CA THR B 136 -17.25 -0.62 -5.63
C THR B 136 -16.57 -1.94 -5.99
N GLN B 137 -16.57 -2.32 -7.27
CA GLN B 137 -15.83 -3.52 -7.68
C GLN B 137 -14.34 -3.20 -7.75
N ILE B 138 -13.54 -4.00 -7.05
CA ILE B 138 -12.11 -3.72 -6.92
C ILE B 138 -11.21 -4.87 -7.36
N LEU B 139 -11.82 -6.00 -7.71
CA LEU B 139 -11.07 -7.14 -8.25
C LEU B 139 -11.76 -7.63 -9.53
N PRO B 140 -10.98 -8.23 -10.46
CA PRO B 140 -11.53 -8.78 -11.70
C PRO B 140 -12.70 -9.75 -11.45
N SER B 141 -13.72 -9.69 -12.32
CA SER B 141 -14.88 -10.57 -12.22
C SER B 141 -14.48 -12.04 -12.29
N ASN B 142 -15.18 -12.87 -11.52
CA ASN B 142 -15.04 -14.33 -11.57
C ASN B 142 -13.65 -14.87 -11.19
N THR B 143 -12.94 -14.17 -10.31
CA THR B 143 -11.56 -14.57 -9.99
C THR B 143 -11.30 -14.96 -8.53
N VAL B 144 -12.21 -14.58 -7.63
CA VAL B 144 -12.01 -14.84 -6.19
C VAL B 144 -12.68 -16.15 -5.77
N SER B 145 -11.87 -17.14 -5.37
CA SER B 145 -12.40 -18.43 -4.93
C SER B 145 -12.97 -18.32 -3.52
N LEU B 146 -12.26 -17.59 -2.66
CA LEU B 146 -12.63 -17.44 -1.26
C LEU B 146 -12.50 -16.00 -0.81
N GLY B 147 -13.59 -15.46 -0.26
CA GLY B 147 -13.60 -14.12 0.32
C GLY B 147 -13.75 -14.15 1.82
N TRP B 148 -13.06 -13.23 2.48
CA TRP B 148 -13.10 -13.07 3.94
C TRP B 148 -13.28 -11.59 4.25
N SER B 149 -14.18 -11.26 5.17
CA SER B 149 -14.27 -9.88 5.67
C SER B 149 -14.72 -9.87 7.13
N SER B 150 -13.82 -9.43 8.02
CA SER B 150 -14.14 -9.36 9.44
C SER B 150 -14.03 -7.94 9.99
N TRP B 151 -15.06 -7.54 10.74
CA TRP B 151 -15.09 -6.25 11.44
C TRP B 151 -14.94 -5.03 10.51
N ALA B 152 -15.36 -5.17 9.26
CA ALA B 152 -15.20 -4.11 8.28
C ALA B 152 -16.51 -3.52 7.76
N ILE B 153 -17.50 -4.36 7.46
CA ILE B 153 -18.69 -3.88 6.75
C ILE B 153 -19.66 -3.05 7.62
N GLN B 154 -19.45 -3.04 8.93
CA GLN B 154 -20.23 -2.16 9.80
C GLN B 154 -19.89 -0.69 9.57
N TRP B 155 -18.75 -0.43 8.93
CA TRP B 155 -18.34 0.94 8.62
C TRP B 155 -19.09 1.46 7.41
N LEU B 156 -19.88 2.50 7.62
CA LEU B 156 -20.63 3.12 6.53
C LEU B 156 -19.67 3.73 5.53
N SER B 157 -20.10 3.79 4.27
CA SER B 157 -19.34 4.44 3.20
C SER B 157 -19.17 5.93 3.49
N ARG B 158 -20.11 6.49 4.27
CA ARG B 158 -20.16 7.92 4.57
C ARG B 158 -21.12 8.20 5.72
N ILE B 159 -20.96 9.37 6.34
CA ILE B 159 -22.06 9.98 7.08
C ILE B 159 -23.11 10.28 6.01
N PRO B 160 -24.35 9.80 6.22
CA PRO B 160 -25.41 10.00 5.22
C PRO B 160 -25.63 11.49 4.93
N ALA B 161 -25.83 11.82 3.66
CA ALA B 161 -26.06 13.20 3.25
C ALA B 161 -27.31 13.77 3.90
N GLY B 162 -27.18 14.96 4.48
CA GLY B 162 -28.30 15.67 5.09
C GLY B 162 -28.80 15.09 6.41
N ALA B 163 -28.09 14.09 6.92
CA ALA B 163 -28.42 13.48 8.21
C ALA B 163 -28.21 14.48 9.34
N PRO B 164 -29.16 14.55 10.29
CA PRO B 164 -29.03 15.45 11.44
C PRO B 164 -27.77 15.18 12.24
N GLU B 165 -27.14 16.25 12.71
CA GLU B 165 -25.94 16.18 13.53
C GLU B 165 -26.29 15.50 14.86
N LEU B 166 -25.57 14.43 15.18
CA LEU B 166 -25.76 13.70 16.43
C LEU B 166 -25.43 14.60 17.62
N THR B 167 -26.46 15.22 18.20
CA THR B 167 -26.28 16.28 19.20
C THR B 167 -25.71 15.81 20.55
N ASP B 168 -26.13 14.64 21.00
CA ASP B 168 -25.74 14.16 22.34
C ASP B 168 -25.08 12.78 22.34
N HIS B 169 -24.79 12.25 21.15
CA HIS B 169 -24.24 10.91 21.01
C HIS B 169 -23.17 10.81 19.92
N VAL B 170 -22.41 9.71 19.94
CA VAL B 170 -21.42 9.44 18.89
C VAL B 170 -21.78 8.19 18.06
N GLN B 171 -22.61 7.34 18.64
CA GLN B 171 -23.15 6.15 17.96
C GLN B 171 -24.66 6.31 17.76
N VAL B 172 -25.11 6.09 16.52
CA VAL B 172 -26.51 6.33 16.14
C VAL B 172 -27.52 5.44 16.87
N ALA B 173 -27.10 4.23 17.24
CA ALA B 173 -27.98 3.29 17.97
C ALA B 173 -28.44 3.87 19.30
N TYR B 174 -27.63 4.75 19.88
CA TYR B 174 -27.94 5.40 21.15
C TYR B 174 -28.53 6.80 20.98
N SER B 175 -28.65 7.25 19.73
CA SER B 175 -29.27 8.53 19.43
C SER B 175 -30.79 8.47 19.56
N LYS B 176 -31.38 9.59 19.94
CA LYS B 176 -32.84 9.70 20.07
C LYS B 176 -33.48 10.45 18.90
N ASP B 177 -32.65 10.85 17.95
CA ASP B 177 -33.10 11.53 16.73
C ASP B 177 -33.55 10.50 15.71
N GLU B 178 -34.86 10.44 15.48
CA GLU B 178 -35.47 9.43 14.60
C GLU B 178 -35.06 9.61 13.14
N ARG B 179 -34.88 10.86 12.72
CA ARG B 179 -34.42 11.19 11.37
C ARG B 179 -33.01 10.68 11.13
N ALA B 180 -32.15 10.82 12.14
CA ALA B 180 -30.77 10.32 12.09
C ALA B 180 -30.73 8.80 12.01
N ARG B 181 -31.50 8.13 12.85
CA ARG B 181 -31.56 6.66 12.87
C ARG B 181 -31.94 6.09 11.50
N ALA B 182 -32.97 6.68 10.89
CA ALA B 182 -33.46 6.25 9.57
C ALA B 182 -32.43 6.49 8.46
N ALA B 183 -31.75 7.64 8.54
CA ALA B 183 -30.73 8.00 7.55
C ALA B 183 -29.55 7.03 7.60
N TYR B 184 -29.07 6.73 8.81
CA TYR B 184 -27.99 5.76 8.99
C TYR B 184 -28.41 4.36 8.57
N ALA B 185 -29.65 3.99 8.88
CA ALA B 185 -30.19 2.68 8.50
C ALA B 185 -30.26 2.50 6.98
N HIS B 186 -30.72 3.55 6.29
CA HIS B 186 -30.81 3.51 4.83
C HIS B 186 -29.43 3.40 4.19
N GLN B 187 -28.47 4.15 4.73
CA GLN B 187 -27.08 4.10 4.24
C GLN B 187 -26.49 2.70 4.40
N ALA B 188 -26.74 2.08 5.54
CA ALA B 188 -26.29 0.70 5.79
C ALA B 188 -26.92 -0.29 4.82
N ALA B 189 -28.20 -0.10 4.50
CA ALA B 189 -28.91 -0.98 3.58
C ALA B 189 -28.36 -0.87 2.16
N THR B 190 -28.08 0.36 1.73
CA THR B 190 -27.50 0.60 0.41
C THR B 190 -26.06 0.08 0.34
N ASP B 191 -25.29 0.33 1.39
CA ASP B 191 -23.91 -0.17 1.51
C ASP B 191 -23.84 -1.69 1.43
N TRP B 192 -24.74 -2.37 2.14
CA TRP B 192 -24.79 -3.83 2.15
C TRP B 192 -25.15 -4.38 0.76
N GLN B 193 -26.14 -3.76 0.11
CA GLN B 193 -26.48 -4.11 -1.27
C GLN B 193 -25.29 -3.93 -2.21
N ASP B 194 -24.57 -2.81 -2.07
CA ASP B 194 -23.40 -2.52 -2.90
C ASP B 194 -22.31 -3.55 -2.67
N PHE B 195 -22.00 -3.80 -1.40
CA PHE B 195 -20.99 -4.80 -1.02
C PHE B 195 -21.31 -6.15 -1.67
N LEU B 196 -22.55 -6.61 -1.53
CA LEU B 196 -22.95 -7.90 -2.09
C LEU B 196 -22.92 -7.92 -3.61
N ALA B 197 -23.40 -6.84 -4.24
CA ALA B 197 -23.41 -6.73 -5.70
C ALA B 197 -22.02 -6.93 -6.29
N PHE B 198 -21.03 -6.29 -5.70
CA PHE B 198 -19.69 -6.33 -6.26
C PHE B 198 -18.89 -7.58 -5.87
N ARG B 199 -19.12 -8.11 -4.68
CA ARG B 199 -18.55 -9.42 -4.33
C ARG B 199 -19.15 -10.51 -5.21
N GLY B 200 -20.44 -10.37 -5.51
CA GLY B 200 -21.13 -11.25 -6.45
C GLY B 200 -20.49 -11.30 -7.83
N ARG B 201 -19.89 -10.18 -8.25
CA ARG B 201 -19.20 -10.14 -9.54
C ARG B 201 -17.79 -10.74 -9.42
N GLU B 202 -17.11 -10.42 -8.32
CA GLU B 202 -15.72 -10.83 -8.10
C GLU B 202 -15.52 -12.33 -7.85
N LEU B 203 -16.47 -12.95 -7.14
CA LEU B 203 -16.35 -14.36 -6.82
C LEU B 203 -16.39 -15.26 -8.06
N CYS B 204 -15.62 -16.34 -8.04
CA CYS B 204 -15.77 -17.40 -9.03
C CYS B 204 -17.16 -18.00 -8.87
N PRO B 205 -17.76 -18.48 -9.98
CA PRO B 205 -18.98 -19.28 -9.81
C PRO B 205 -18.72 -20.42 -8.82
N GLY B 206 -19.60 -20.55 -7.83
CA GLY B 206 -19.43 -21.54 -6.78
C GLY B 206 -18.54 -21.08 -5.64
N GLY B 207 -17.99 -19.87 -5.75
CA GLY B 207 -17.13 -19.32 -4.71
C GLY B 207 -17.84 -19.02 -3.41
N ARG B 208 -17.09 -18.93 -2.33
CA ARG B 208 -17.65 -18.67 -1.00
C ARG B 208 -17.07 -17.41 -0.36
N LEU B 209 -17.92 -16.68 0.33
CA LEU B 209 -17.52 -15.47 1.05
C LEU B 209 -17.99 -15.56 2.50
N VAL B 210 -17.05 -15.39 3.42
CA VAL B 210 -17.35 -15.44 4.85
C VAL B 210 -17.25 -14.03 5.41
N VAL B 211 -18.35 -13.57 6.01
CA VAL B 211 -18.45 -12.22 6.56
C VAL B 211 -18.69 -12.29 8.07
N LEU B 212 -17.90 -11.51 8.81
CA LEU B 212 -18.17 -11.28 10.23
C LEU B 212 -18.34 -9.78 10.45
N THR B 213 -19.47 -9.40 11.05
CA THR B 213 -19.73 -7.98 11.30
C THR B 213 -20.40 -7.74 12.65
N MET B 214 -20.38 -6.47 13.07
CA MET B 214 -21.13 -6.03 14.24
C MET B 214 -22.61 -6.14 13.98
N ALA B 215 -23.34 -6.67 14.95
CA ALA B 215 -24.76 -6.93 14.81
C ALA B 215 -25.54 -6.38 15.99
N LEU B 216 -26.85 -6.36 15.86
CA LEU B 216 -27.73 -6.14 17.01
C LEU B 216 -28.07 -7.52 17.57
N ASP B 217 -28.16 -7.63 18.90
CA ASP B 217 -28.53 -8.92 19.51
C ASP B 217 -30.02 -9.22 19.36
N GLU B 218 -30.47 -10.35 19.91
CA GLU B 218 -31.87 -10.76 19.80
C GLU B 218 -32.87 -9.73 20.32
N HIS B 219 -32.42 -8.90 21.26
CA HIS B 219 -33.27 -7.85 21.84
C HIS B 219 -33.16 -6.55 21.04
N GLY B 220 -32.35 -6.56 19.99
CA GLY B 220 -32.18 -5.39 19.12
C GLY B 220 -31.21 -4.37 19.68
N HIS B 221 -30.29 -4.81 20.53
CA HIS B 221 -29.33 -3.91 21.19
C HIS B 221 -27.95 -3.94 20.56
N PHE B 222 -27.31 -2.77 20.57
CA PHE B 222 -25.98 -2.56 20.00
C PHE B 222 -24.87 -3.17 20.84
N GLY B 223 -25.06 -3.17 22.16
CA GLY B 223 -24.05 -3.65 23.09
C GLY B 223 -23.04 -2.58 23.44
N TYR B 224 -21.94 -3.00 24.09
CA TYR B 224 -20.86 -2.11 24.55
C TYR B 224 -21.40 -0.94 25.40
N ARG B 225 -22.46 -1.20 26.16
CA ARG B 225 -23.17 -0.14 26.89
C ARG B 225 -22.28 0.65 27.87
N PRO B 226 -21.57 -0.02 28.80
CA PRO B 226 -20.66 0.71 29.70
C PRO B 226 -19.56 1.48 28.95
N MET B 227 -19.08 0.90 27.85
CA MET B 227 -18.06 1.54 27.01
CA MET B 227 -18.06 1.54 27.01
C MET B 227 -18.60 2.85 26.42
N ASN B 228 -19.78 2.80 25.83
CA ASN B 228 -20.38 3.96 25.21
C ASN B 228 -20.68 5.08 26.21
N ASP B 229 -21.14 4.69 27.40
CA ASP B 229 -21.36 5.63 28.50
C ASP B 229 -20.06 6.31 28.92
N ALA B 230 -19.00 5.52 29.06
CA ALA B 230 -17.68 6.03 29.44
C ALA B 230 -17.12 7.00 28.39
N LEU B 231 -17.32 6.66 27.11
CA LEU B 231 -16.83 7.47 25.99
C LEU B 231 -17.50 8.84 25.93
N VAL B 232 -18.83 8.87 25.98
CA VAL B 232 -19.59 10.13 25.94
C VAL B 232 -19.27 11.02 27.14
N ALA B 233 -19.20 10.42 28.33
CA ALA B 233 -18.87 11.14 29.56
C ALA B 233 -17.46 11.74 29.52
N ALA B 234 -16.52 10.99 28.97
CA ALA B 234 -15.13 11.46 28.82
C ALA B 234 -15.03 12.63 27.84
N LEU B 235 -15.87 12.61 26.80
CA LEU B 235 -15.93 13.69 25.83
C LEU B 235 -16.56 14.95 26.42
N ASN B 236 -17.60 14.76 27.23
CA ASN B 236 -18.25 15.86 27.93
C ASN B 236 -17.36 16.52 28.98
N ASP B 237 -16.43 15.75 29.54
CA ASP B 237 -15.46 16.27 30.50
C ASP B 237 -14.40 17.16 29.83
N GLN B 238 -14.09 16.87 28.56
CA GLN B 238 -13.12 17.66 27.81
C GLN B 238 -13.67 19.02 27.39
N VAL B 239 -14.98 19.09 27.14
CA VAL B 239 -15.63 20.37 26.86
C VAL B 239 -15.80 21.19 28.15
N ARG B 240 -15.93 20.49 29.27
CA ARG B 240 -16.00 21.11 30.59
C ARG B 240 -14.65 21.69 31.01
N ASP B 241 -13.58 20.98 30.68
CA ASP B 241 -12.22 21.40 31.02
C ASP B 241 -11.60 22.35 30.00
N GLY B 242 -12.36 22.67 28.95
CA GLY B 242 -11.91 23.60 27.92
C GLY B 242 -10.92 23.02 26.92
N LEU B 243 -10.79 21.69 26.91
CA LEU B 243 -9.90 20.99 25.99
C LEU B 243 -10.58 20.72 24.64
N LEU B 244 -11.90 20.74 24.65
CA LEU B 244 -12.70 20.46 23.46
C LEU B 244 -13.77 21.53 23.26
N ARG B 245 -13.96 21.98 22.02
CA ARG B 245 -14.98 22.96 21.69
C ARG B 245 -16.35 22.28 21.57
N PRO B 246 -17.42 22.97 22.01
CA PRO B 246 -18.78 22.43 21.90
C PRO B 246 -19.18 22.08 20.47
N GLU B 247 -18.73 22.90 19.51
CA GLU B 247 -18.99 22.68 18.09
C GLU B 247 -18.30 21.43 17.56
N GLU B 248 -17.08 21.17 18.05
CA GLU B 248 -16.30 19.99 17.67
C GLU B 248 -16.97 18.70 18.14
N LEU B 249 -17.46 18.70 19.38
CA LEU B 249 -18.15 17.55 19.95
C LEU B 249 -19.47 17.26 19.23
N ARG B 250 -20.18 18.32 18.84
CA ARG B 250 -21.41 18.20 18.06
C ARG B 250 -21.13 17.49 16.74
N ARG B 251 -20.03 17.87 16.08
CA ARG B 251 -19.64 17.30 14.79
C ARG B 251 -19.21 15.83 14.85
N MET B 252 -18.78 15.38 16.03
CA MET B 252 -18.28 14.02 16.20
C MET B 252 -19.36 12.96 15.98
N ALA B 253 -19.05 12.01 15.10
CA ALA B 253 -19.94 10.89 14.82
C ALA B 253 -19.13 9.71 14.30
N ILE B 254 -19.46 8.51 14.78
CA ILE B 254 -18.84 7.29 14.27
C ILE B 254 -19.78 6.68 13.22
N PRO B 255 -19.36 6.65 11.94
CA PRO B 255 -20.20 6.04 10.91
C PRO B 255 -20.15 4.51 10.98
N VAL B 256 -20.67 3.97 12.08
CA VAL B 256 -20.80 2.52 12.26
C VAL B 256 -22.26 2.18 12.49
N VAL B 257 -22.77 1.19 11.75
CA VAL B 257 -24.11 0.67 11.96
C VAL B 257 -24.04 -0.84 12.17
N ALA B 258 -24.59 -1.30 13.29
CA ALA B 258 -24.74 -2.72 13.57
C ALA B 258 -26.05 -3.22 12.98
N ARG B 259 -26.01 -4.34 12.26
CA ARG B 259 -27.16 -4.84 11.53
C ARG B 259 -27.88 -5.97 12.24
N ALA B 260 -29.21 -5.93 12.21
CA ALA B 260 -30.02 -7.03 12.70
C ALA B 260 -30.07 -8.14 11.66
N GLU B 261 -30.45 -9.32 12.11
CA GLU B 261 -30.67 -10.47 11.24
C GLU B 261 -31.51 -10.11 10.00
N LYS B 262 -32.63 -9.43 10.22
CA LYS B 262 -33.53 -9.01 9.14
C LYS B 262 -32.85 -8.08 8.13
N ASP B 263 -31.96 -7.23 8.62
CA ASP B 263 -31.22 -6.29 7.77
C ASP B 263 -30.26 -7.05 6.86
N LEU B 264 -29.60 -8.07 7.38
CA LEU B 264 -28.65 -8.86 6.61
C LEU B 264 -29.35 -9.70 5.53
N ARG B 265 -30.57 -10.12 5.80
CA ARG B 265 -31.34 -10.94 4.86
C ARG B 265 -32.09 -10.12 3.82
N ALA B 266 -32.24 -8.82 4.07
CA ALA B 266 -33.05 -7.91 3.24
C ALA B 266 -32.85 -8.00 1.72
N PRO B 267 -31.59 -8.00 1.23
CA PRO B 267 -31.42 -8.09 -0.23
C PRO B 267 -31.88 -9.42 -0.85
N PHE B 268 -31.94 -10.47 -0.05
CA PHE B 268 -32.20 -11.83 -0.53
C PHE B 268 -33.69 -12.22 -0.54
N ALA B 269 -34.47 -11.59 0.33
CA ALA B 269 -35.90 -11.91 0.48
C ALA B 269 -36.70 -11.53 -0.78
N PRO B 270 -37.72 -12.36 -1.13
CA PRO B 270 -38.10 -13.59 -0.43
C PRO B 270 -37.59 -14.90 -1.05
N ARG B 271 -37.05 -14.85 -2.28
CA ARG B 271 -36.64 -16.07 -2.97
C ARG B 271 -35.27 -16.63 -2.52
N GLY B 272 -34.46 -15.78 -1.89
CA GLY B 272 -33.20 -16.21 -1.29
C GLY B 272 -31.93 -15.86 -2.05
N TRP B 273 -32.08 -15.14 -3.16
CA TRP B 273 -30.92 -14.78 -4.00
C TRP B 273 -30.82 -13.27 -4.25
N PHE B 274 -29.58 -12.78 -4.33
CA PHE B 274 -29.34 -11.39 -4.70
C PHE B 274 -28.06 -11.29 -5.51
N GLU B 275 -28.18 -10.87 -6.77
CA GLU B 275 -27.04 -10.68 -7.66
C GLU B 275 -26.16 -11.94 -7.75
N GLY B 276 -26.78 -13.10 -7.80
CA GLY B 276 -26.07 -14.38 -7.91
C GLY B 276 -25.56 -14.97 -6.61
N LEU B 277 -25.84 -14.30 -5.51
CA LEU B 277 -25.41 -14.77 -4.19
C LEU B 277 -26.57 -15.24 -3.33
N THR B 278 -26.30 -16.22 -2.48
CA THR B 278 -27.28 -16.69 -1.49
C THR B 278 -26.62 -16.85 -0.13
N ILE B 279 -27.40 -16.72 0.93
CA ILE B 279 -26.92 -17.00 2.29
C ILE B 279 -26.98 -18.51 2.53
N GLU B 280 -25.82 -19.10 2.73
CA GLU B 280 -25.68 -20.54 2.98
C GLU B 280 -25.79 -20.84 4.47
N GLN B 281 -25.22 -19.94 5.27
CA GLN B 281 -25.24 -20.06 6.72
C GLN B 281 -25.25 -18.66 7.34
N LEU B 282 -26.07 -18.49 8.36
CA LEU B 282 -26.11 -17.25 9.13
C LEU B 282 -26.18 -17.57 10.61
N ASP B 283 -25.34 -16.89 11.39
CA ASP B 283 -25.35 -17.00 12.85
C ASP B 283 -25.29 -15.62 13.49
N VAL B 284 -26.09 -15.44 14.53
CA VAL B 284 -26.08 -14.21 15.32
C VAL B 284 -25.79 -14.61 16.77
N PHE B 285 -24.74 -14.03 17.34
CA PHE B 285 -24.24 -14.48 18.65
C PHE B 285 -23.53 -13.35 19.39
N ASN B 286 -23.34 -13.54 20.69
CA ASN B 286 -22.53 -12.63 21.49
C ASN B 286 -21.15 -13.25 21.74
N ALA B 287 -20.11 -12.51 21.38
CA ALA B 287 -18.74 -12.96 21.59
C ALA B 287 -18.42 -12.98 23.08
N GLU B 288 -17.64 -13.97 23.51
CA GLU B 288 -17.21 -14.06 24.90
C GLU B 288 -16.45 -12.79 25.31
N ASP B 289 -16.86 -12.20 26.42
CA ASP B 289 -16.23 -10.99 26.92
C ASP B 289 -14.93 -11.36 27.65
N ARG B 290 -13.82 -11.35 26.91
CA ARG B 290 -12.53 -11.81 27.43
C ARG B 290 -11.95 -10.86 28.49
N PHE B 291 -12.20 -9.56 28.34
CA PHE B 291 -11.69 -8.58 29.31
C PHE B 291 -12.38 -8.74 30.67
N TRP B 292 -13.68 -9.03 30.64
CA TRP B 292 -14.42 -9.35 31.85
C TRP B 292 -13.96 -10.66 32.49
N ALA B 293 -13.78 -11.69 31.66
CA ALA B 293 -13.31 -12.99 32.12
C ALA B 293 -11.96 -12.87 32.82
N ALA B 294 -11.04 -12.13 32.21
CA ALA B 294 -9.72 -11.89 32.80
C ALA B 294 -9.84 -11.19 34.15
N PHE B 295 -10.69 -10.17 34.22
CA PHE B 295 -10.91 -9.43 35.47
C PHE B 295 -11.47 -10.32 36.57
N GLN B 296 -12.40 -11.22 36.21
CA GLN B 296 -12.94 -12.20 37.17
C GLN B 296 -11.83 -13.12 37.71
N SER B 297 -10.81 -13.34 36.89
CA SER B 297 -9.69 -14.22 37.27
C SER B 297 -8.65 -13.52 38.13
N ASP B 298 -8.16 -12.35 37.67
CA ASP B 298 -7.04 -11.67 38.34
C ASP B 298 -7.40 -10.46 39.20
N GLY B 299 -8.61 -9.94 39.03
CA GLY B 299 -9.08 -8.78 39.81
C GLY B 299 -8.37 -7.46 39.49
N ASP B 300 -7.68 -7.40 38.36
CA ASP B 300 -6.93 -6.22 37.97
C ASP B 300 -7.85 -5.24 37.22
N ALA B 301 -8.38 -4.26 37.96
CA ALA B 301 -9.31 -3.28 37.41
C ALA B 301 -8.65 -2.30 36.44
N GLU B 302 -7.40 -1.92 36.72
CA GLU B 302 -6.65 -1.01 35.85
C GLU B 302 -6.40 -1.66 34.48
N SER B 303 -6.02 -2.93 34.49
CA SER B 303 -5.81 -3.70 33.26
C SER B 303 -7.10 -3.80 32.45
N PHE B 304 -8.20 -4.11 33.14
CA PHE B 304 -9.53 -4.16 32.54
C PHE B 304 -9.85 -2.88 31.78
N GLY B 305 -9.67 -1.74 32.46
CA GLY B 305 -9.89 -0.42 31.87
C GLY B 305 -8.98 -0.13 30.69
N ALA B 306 -7.72 -0.52 30.80
CA ALA B 306 -6.73 -0.32 29.73
C ALA B 306 -7.04 -1.13 28.47
N GLN B 307 -7.51 -2.37 28.65
CA GLN B 307 -7.87 -3.24 27.53
C GLN B 307 -9.03 -2.64 26.73
N TRP B 308 -10.11 -2.29 27.42
CA TRP B 308 -11.27 -1.68 26.78
C TRP B 308 -10.94 -0.34 26.12
N ALA B 309 -10.17 0.50 26.82
CA ALA B 309 -9.82 1.82 26.29
C ALA B 309 -8.93 1.73 25.05
N GLY B 310 -8.02 0.76 25.05
CA GLY B 310 -7.11 0.55 23.92
C GLY B 310 -7.86 0.10 22.68
N PHE B 311 -8.81 -0.80 22.89
CA PHE B 311 -9.72 -1.26 21.84
C PHE B 311 -10.47 -0.08 21.21
N ALA B 312 -11.07 0.77 22.05
CA ALA B 312 -11.79 1.95 21.57
C ALA B 312 -10.88 2.91 20.82
N ARG B 313 -9.67 3.14 21.34
CA ARG B 313 -8.74 4.09 20.76
C ARG B 313 -8.34 3.74 19.31
N ALA B 314 -7.85 2.52 19.12
CA ALA B 314 -7.31 2.10 17.82
C ALA B 314 -8.37 2.11 16.73
N ALA B 315 -9.59 1.78 17.10
CA ALA B 315 -10.69 1.62 16.14
C ALA B 315 -11.53 2.86 15.93
N LEU B 316 -11.74 3.64 16.99
CA LEU B 316 -12.72 4.74 16.96
C LEU B 316 -12.12 6.15 17.01
N PHE B 317 -11.01 6.30 17.73
CA PHE B 317 -10.47 7.63 18.00
C PHE B 317 -9.97 8.41 16.76
N PRO B 318 -9.38 7.72 15.75
CA PRO B 318 -9.04 8.46 14.54
C PRO B 318 -10.24 9.14 13.86
N THR B 319 -11.41 8.49 13.91
CA THR B 319 -12.64 9.06 13.37
C THR B 319 -13.12 10.26 14.19
N LEU B 320 -13.01 10.17 15.52
CA LEU B 320 -13.37 11.27 16.40
C LEU B 320 -12.42 12.46 16.22
N ALA B 321 -11.13 12.17 16.09
CA ALA B 321 -10.10 13.20 15.94
C ALA B 321 -10.24 14.00 14.64
N ALA B 322 -10.85 13.39 13.63
CA ALA B 322 -11.07 14.04 12.34
C ALA B 322 -12.04 15.24 12.43
N ALA B 323 -12.85 15.26 13.48
CA ALA B 323 -13.82 16.34 13.68
C ALA B 323 -13.21 17.61 14.30
N LEU B 324 -12.01 17.48 14.86
CA LEU B 324 -11.31 18.62 15.49
C LEU B 324 -10.97 19.71 14.48
N ASP B 325 -10.96 20.95 14.95
CA ASP B 325 -10.66 22.13 14.12
C ASP B 325 -9.22 22.10 13.57
N CYS B 326 -8.31 21.56 14.37
CA CYS B 326 -6.91 21.40 13.97
C CYS B 326 -6.76 20.25 12.97
N GLY B 327 -5.53 20.04 12.51
CA GLY B 327 -5.21 18.92 11.62
C GLY B 327 -5.16 17.60 12.36
N THR B 328 -5.13 16.51 11.60
CA THR B 328 -5.03 15.17 12.19
C THR B 328 -3.59 14.87 12.60
N GLY B 329 -2.64 15.56 11.97
CA GLY B 329 -1.22 15.47 12.32
C GLY B 329 -0.80 16.49 13.35
N ASP B 330 -1.72 17.40 13.69
CA ASP B 330 -1.49 18.44 14.69
C ASP B 330 -1.34 17.82 16.08
N PRO B 331 -0.33 18.28 16.86
CA PRO B 331 -0.09 17.82 18.23
C PRO B 331 -1.30 17.81 19.15
N ARG B 332 -2.25 18.71 18.91
CA ARG B 332 -3.50 18.77 19.67
C ARG B 332 -4.33 17.50 19.51
N ALA B 333 -4.36 16.97 18.28
CA ALA B 333 -5.09 15.73 17.98
C ALA B 333 -4.51 14.52 18.72
N THR B 334 -3.18 14.46 18.81
CA THR B 334 -2.50 13.39 19.55
C THR B 334 -2.82 13.48 21.04
N ALA B 335 -2.76 14.70 21.59
CA ALA B 335 -3.11 14.95 22.98
C ALA B 335 -4.57 14.57 23.27
N PHE B 336 -5.46 14.90 22.34
CA PHE B 336 -6.87 14.53 22.44
C PHE B 336 -7.07 13.02 22.51
N ILE B 337 -6.36 12.29 21.65
CA ILE B 337 -6.43 10.83 21.60
C ILE B 337 -5.96 10.20 22.91
N GLU B 338 -4.81 10.65 23.40
CA GLU B 338 -4.18 10.09 24.60
C GLU B 338 -5.00 10.37 25.86
N GLN B 339 -5.53 11.60 25.96
CA GLN B 339 -6.35 12.00 27.10
C GLN B 339 -7.67 11.24 27.14
N LEU B 340 -8.30 11.11 25.97
CA LEU B 340 -9.58 10.41 25.86
C LEU B 340 -9.44 8.93 26.25
N GLU B 341 -8.33 8.31 25.85
CA GLU B 341 -8.06 6.93 26.18
C GLU B 341 -7.87 6.74 27.69
N ALA B 342 -7.10 7.64 28.29
CA ALA B 342 -6.83 7.60 29.73
C ALA B 342 -8.09 7.83 30.56
N SER B 343 -8.97 8.70 30.08
CA SER B 343 -10.24 9.01 30.75
C SER B 343 -11.22 7.85 30.69
N VAL B 344 -11.36 7.25 29.50
CA VAL B 344 -12.21 6.07 29.31
C VAL B 344 -11.70 4.90 30.17
N ALA B 345 -10.37 4.75 30.22
CA ALA B 345 -9.73 3.71 31.02
C ALA B 345 -10.07 3.84 32.50
N ASP B 346 -9.93 5.05 33.03
CA ASP B 346 -10.22 5.35 34.43
C ASP B 346 -11.69 5.07 34.80
N ARG B 347 -12.60 5.46 33.92
CA ARG B 347 -14.04 5.30 34.14
C ARG B 347 -14.45 3.84 34.24
N LEU B 348 -13.94 3.02 33.32
CA LEU B 348 -14.27 1.60 33.28
C LEU B 348 -13.56 0.79 34.38
N ALA B 349 -12.37 1.26 34.77
CA ALA B 349 -11.60 0.64 35.85
C ALA B 349 -12.27 0.82 37.21
N SER B 350 -12.97 1.93 37.38
CA SER B 350 -13.63 2.26 38.64
C SER B 350 -14.83 1.35 38.93
N GLN B 351 -15.50 0.87 37.86
CA GLN B 351 -16.61 -0.06 38.01
C GLN B 351 -16.67 -1.05 36.84
N PRO B 352 -15.84 -2.12 36.90
CA PRO B 352 -15.83 -3.13 35.83
C PRO B 352 -17.13 -3.91 35.73
N GLU B 353 -17.65 -4.03 34.52
CA GLU B 353 -18.90 -4.74 34.24
C GLU B 353 -18.76 -5.53 32.94
N PRO B 354 -19.46 -6.68 32.84
CA PRO B 354 -19.49 -7.40 31.57
C PRO B 354 -20.25 -6.61 30.50
N MET B 355 -19.87 -6.82 29.24
CA MET B 355 -20.47 -6.11 28.11
C MET B 355 -20.90 -7.08 27.04
N ARG B 356 -21.95 -6.72 26.30
CA ARG B 356 -22.41 -7.52 25.18
C ARG B 356 -21.65 -7.13 23.92
N ILE B 357 -21.16 -8.15 23.20
CA ILE B 357 -20.41 -7.97 21.96
C ILE B 357 -21.18 -8.75 20.88
N PRO B 358 -22.25 -8.15 20.33
CA PRO B 358 -23.10 -8.87 19.39
C PRO B 358 -22.51 -8.90 17.98
N LEU B 359 -22.41 -10.11 17.43
CA LEU B 359 -21.80 -10.30 16.12
C LEU B 359 -22.68 -11.14 15.21
N ALA B 360 -22.46 -11.00 13.91
CA ALA B 360 -23.11 -11.87 12.93
C ALA B 360 -22.05 -12.48 12.02
N SER B 361 -22.18 -13.77 11.77
CA SER B 361 -21.32 -14.45 10.81
C SER B 361 -22.19 -14.99 9.67
N LEU B 362 -21.68 -14.84 8.45
CA LEU B 362 -22.41 -15.28 7.25
C LEU B 362 -21.48 -16.06 6.34
N VAL B 363 -22.00 -17.14 5.77
CA VAL B 363 -21.35 -17.81 4.66
C VAL B 363 -22.23 -17.57 3.43
N LEU B 364 -21.65 -16.91 2.43
CA LEU B 364 -22.35 -16.63 1.18
C LEU B 364 -21.75 -17.44 0.05
N ALA B 365 -22.61 -17.92 -0.86
CA ALA B 365 -22.17 -18.70 -2.01
C ALA B 365 -22.66 -18.09 -3.31
N LYS B 366 -21.81 -18.12 -4.33
CA LYS B 366 -22.19 -17.67 -5.67
C LYS B 366 -22.72 -18.85 -6.48
N ARG B 367 -23.77 -18.59 -7.27
CA ARG B 367 -24.35 -19.61 -8.18
C ARG B 367 -23.27 -20.42 -8.88
#